data_8DTX
#
_entry.id   8DTX
#
_cell.length_a   42.086
_cell.length_b   76.916
_cell.length_c   154.379
_cell.angle_alpha   90.000
_cell.angle_beta   93.780
_cell.angle_gamma   90.000
#
_symmetry.space_group_name_H-M   'P 1 21 1'
#
loop_
_entity.id
_entity.type
_entity.pdbx_description
1 polymer 'COV89-22 heavy chain'
2 polymer 'COV89-22 light chain'
3 polymer "Spike protein S2' stem helix peptide"
4 water water
#
loop_
_entity_poly.entity_id
_entity_poly.type
_entity_poly.pdbx_seq_one_letter_code
_entity_poly.pdbx_strand_id
1 'polypeptide(L)'
;QEQLVQSGAEVKKPGASVKVSCKSSGFTFSYFYLHWVRQAPGQGLEWMGIINPRGDGTRYAQKFQGRVTMTRDASTGTLY
MELRSLRSEDTAVYYCARGADHGAFDIWGQGTMVTVSSASTKGPSVFPLAPSSKSTSGGTAALGCLVKDYFPEPVTVSWN
SGALTSGVHTFPAVLQSSGLYSLSSVVTVPSSSLGTQTYICNVNHKPSNTKVDKKVEPKSC
;
H,A
2 'polypeptide(L)'
;EIVLTQSPGTLSLSPGERATLSCRASQSVRRNYFAWYQQKRGQAPRLLIYDASTRATGIPDRFSGSGSGTDFTLTISRLE
PEDFAVYYCQQYDSSPPMYIFGQGTKLEIKRTVAAPSVFIFPPSDEQLKSGTASVVCLLNNFYPREAKVQWKVDNALQSG
NSQESVTEQDSKDSTYSLSSTLTLSKADYEKHKVYACEVTHQGLSSPVTKSFNRGEC
;
L,B
3 'polypeptide(L)' LDSFKEELDKYFKNH I,G
#
# COMPACT_ATOMS: atom_id res chain seq x y z
N GLN A 1 23.60 17.35 -1.65
CA GLN A 1 23.98 15.94 -1.72
C GLN A 1 23.99 15.30 -0.33
N GLU A 2 24.04 16.11 0.72
CA GLU A 2 23.86 15.60 2.08
C GLU A 2 22.37 15.39 2.32
N GLN A 3 21.95 14.15 2.52
CA GLN A 3 20.53 13.80 2.50
C GLN A 3 20.21 12.76 3.57
N LEU A 4 18.94 12.77 4.00
CA LEU A 4 18.33 11.72 4.78
C LEU A 4 17.03 11.33 4.10
N VAL A 5 16.86 10.05 3.80
CA VAL A 5 15.66 9.58 3.11
C VAL A 5 14.99 8.53 3.97
N GLN A 6 13.70 8.74 4.26
CA GLN A 6 12.95 7.91 5.19
C GLN A 6 12.05 6.92 4.45
N SER A 7 11.62 5.89 5.18
CA SER A 7 10.72 4.87 4.64
C SER A 7 9.31 5.45 4.47
N GLY A 8 8.44 4.67 3.83
CA GLY A 8 7.14 5.14 3.40
C GLY A 8 6.08 5.16 4.48
N ALA A 9 4.90 5.65 4.10
CA ALA A 9 3.83 5.89 5.07
C ALA A 9 3.37 4.59 5.71
N GLU A 10 2.95 4.69 6.97
CA GLU A 10 2.58 3.56 7.79
C GLU A 10 1.16 3.73 8.32
N VAL A 11 0.40 2.63 8.36
CA VAL A 11 -0.91 2.62 8.98
C VAL A 11 -0.96 1.46 9.96
N LYS A 12 -1.27 1.75 11.22
CA LYS A 12 -1.16 0.79 12.29
C LYS A 12 -2.41 0.78 13.16
N LYS A 13 -2.69 -0.40 13.79
CA LYS A 13 -3.77 -0.48 14.75
C LYS A 13 -3.26 -0.10 16.14
N PRO A 14 -4.13 0.39 17.02
CA PRO A 14 -3.70 0.67 18.40
C PRO A 14 -3.15 -0.58 19.07
N GLY A 15 -2.08 -0.39 19.81
CA GLY A 15 -1.38 -1.49 20.44
C GLY A 15 -0.25 -2.08 19.64
N ALA A 16 -0.20 -1.79 18.33
CA ALA A 16 0.87 -2.29 17.48
C ALA A 16 2.15 -1.49 17.71
N SER A 17 3.19 -1.83 16.96
CA SER A 17 4.44 -1.10 16.95
C SER A 17 4.81 -0.77 15.51
N VAL A 18 5.65 0.24 15.33
CA VAL A 18 6.07 0.64 14.00
C VAL A 18 7.57 0.95 14.05
N LYS A 19 8.31 0.51 13.02
CA LYS A 19 9.74 0.77 12.91
C LYS A 19 10.00 1.50 11.60
N VAL A 20 10.33 2.80 11.71
CA VAL A 20 10.61 3.67 10.57
C VAL A 20 12.13 3.73 10.37
N SER A 21 12.56 3.84 9.12
CA SER A 21 13.99 3.90 8.82
C SER A 21 14.35 5.20 8.12
N CYS A 22 15.65 5.51 8.15
CA CYS A 22 16.18 6.79 7.68
C CYS A 22 17.60 6.53 7.20
N LYS A 23 17.82 6.57 5.89
CA LYS A 23 19.12 6.24 5.31
C LYS A 23 19.79 7.50 4.78
N SER A 24 21.06 7.67 5.14
CA SER A 24 21.86 8.83 4.79
C SER A 24 22.53 8.64 3.43
N SER A 25 22.87 9.78 2.83
CA SER A 25 23.77 9.79 1.68
C SER A 25 24.51 11.12 1.66
N GLY A 26 25.74 11.09 1.16
CA GLY A 26 26.49 12.32 1.00
C GLY A 26 27.26 12.80 2.20
N PHE A 27 27.32 12.03 3.29
CA PHE A 27 28.16 12.41 4.42
C PHE A 27 28.54 11.15 5.18
N THR A 28 29.48 11.32 6.12
CA THR A 28 29.96 10.20 6.92
C THR A 28 28.94 9.91 8.02
N PHE A 29 28.13 8.88 7.80
CA PHE A 29 27.02 8.57 8.69
C PHE A 29 27.48 8.42 10.13
N SER A 30 28.59 7.72 10.36
CA SER A 30 28.99 7.34 11.71
C SER A 30 29.63 8.48 12.50
N TYR A 31 29.81 9.66 11.90
CA TYR A 31 30.38 10.77 12.63
C TYR A 31 29.36 11.49 13.51
N PHE A 32 28.07 11.42 13.17
CA PHE A 32 27.07 12.36 13.65
C PHE A 32 26.11 11.76 14.67
N TYR A 33 25.74 12.58 15.65
CA TYR A 33 24.55 12.29 16.45
C TYR A 33 23.31 12.46 15.57
N LEU A 34 22.31 11.61 15.78
CA LEU A 34 21.09 11.65 14.98
C LEU A 34 19.89 11.72 15.92
N HIS A 35 18.78 12.24 15.39
CA HIS A 35 17.57 12.53 16.17
C HIS A 35 16.32 12.08 15.44
N TRP A 36 15.25 11.90 16.20
CA TRP A 36 13.89 11.83 15.67
C TRP A 36 13.05 12.93 16.30
N VAL A 37 12.20 13.53 15.47
CA VAL A 37 11.29 14.60 15.85
C VAL A 37 9.93 14.24 15.25
N ARG A 38 8.84 14.54 15.95
CA ARG A 38 7.54 14.28 15.36
C ARG A 38 6.65 15.51 15.40
N GLN A 39 5.61 15.46 14.59
CA GLN A 39 4.70 16.59 14.43
C GLN A 39 3.30 16.04 14.20
N ALA A 40 2.46 16.13 15.21
CA ALA A 40 1.08 15.68 15.10
C ALA A 40 0.31 16.60 14.15
N PRO A 41 -0.81 16.12 13.58
CA PRO A 41 -1.54 16.95 12.60
C PRO A 41 -1.87 18.34 13.10
N GLY A 42 -1.39 19.35 12.37
CA GLY A 42 -1.67 20.74 12.71
C GLY A 42 -0.93 21.28 13.90
N GLN A 43 -0.05 20.49 14.52
CA GLN A 43 0.66 20.86 15.75
C GLN A 43 2.11 21.25 15.43
N GLY A 44 2.90 21.49 16.47
CA GLY A 44 4.27 21.88 16.34
C GLY A 44 5.22 20.70 16.38
N LEU A 45 6.50 21.03 16.54
CA LEU A 45 7.56 20.03 16.52
C LEU A 45 7.87 19.54 17.93
N GLU A 46 8.11 18.23 18.05
CA GLU A 46 8.39 17.62 19.35
C GLU A 46 9.58 16.67 19.22
N TRP A 47 10.68 16.99 19.91
CA TRP A 47 11.86 16.14 19.89
C TRP A 47 11.57 14.81 20.58
N MET A 48 11.97 13.71 19.95
CA MET A 48 11.76 12.38 20.54
C MET A 48 13.01 11.82 21.21
N GLY A 49 14.20 12.07 20.69
CA GLY A 49 15.38 11.52 21.30
C GLY A 49 16.57 11.58 20.36
N ILE A 50 17.72 11.22 20.92
CA ILE A 50 19.01 11.33 20.26
C ILE A 50 19.72 9.98 20.39
N ILE A 51 20.51 9.63 19.38
CA ILE A 51 21.37 8.46 19.43
C ILE A 51 22.79 8.89 19.07
N ASN A 52 23.78 8.38 19.81
CA ASN A 52 25.16 8.84 19.65
C ASN A 52 25.79 8.17 18.43
N PRO A 53 26.95 8.68 17.96
CA PRO A 53 27.53 8.15 16.72
C PRO A 53 27.78 6.65 16.72
N ARG A 54 28.28 6.09 17.83
CA ARG A 54 28.52 4.65 17.88
C ARG A 54 27.22 3.86 17.84
N GLY A 55 26.17 4.40 18.46
CA GLY A 55 24.89 3.72 18.55
C GLY A 55 24.63 3.03 19.87
N ASP A 56 25.57 3.10 20.82
CA ASP A 56 25.40 2.43 22.11
C ASP A 56 24.82 3.35 23.18
N GLY A 57 24.60 4.62 22.87
CA GLY A 57 24.03 5.56 23.82
C GLY A 57 22.85 6.29 23.23
N THR A 58 21.74 6.34 23.96
CA THR A 58 20.55 7.07 23.54
C THR A 58 20.01 7.86 24.73
N ARG A 59 19.28 8.92 24.44
CA ARG A 59 18.48 9.59 25.47
C ARG A 59 17.18 10.03 24.82
N TYR A 60 16.06 9.72 25.45
CA TYR A 60 14.74 10.01 24.91
C TYR A 60 14.03 11.07 25.74
N ALA A 61 13.15 11.82 25.08
CA ALA A 61 12.24 12.70 25.77
C ALA A 61 11.46 11.92 26.82
N GLN A 62 11.19 12.56 27.96
CA GLN A 62 10.55 11.84 29.06
C GLN A 62 9.24 11.20 28.65
N LYS A 63 8.51 11.85 27.75
CA LYS A 63 7.21 11.37 27.29
C LYS A 63 7.31 10.00 26.59
N PHE A 64 8.43 9.71 25.94
CA PHE A 64 8.56 8.51 25.12
C PHE A 64 9.40 7.42 25.77
N GLN A 65 10.06 7.70 26.89
CA GLN A 65 10.88 6.67 27.52
C GLN A 65 10.02 5.48 27.90
N GLY A 66 10.55 4.28 27.67
CA GLY A 66 9.83 3.05 27.87
C GLY A 66 9.04 2.56 26.68
N ARG A 67 8.79 3.43 25.70
CA ARG A 67 8.01 3.10 24.52
C ARG A 67 8.76 3.22 23.20
N VAL A 68 9.92 3.88 23.18
CA VAL A 68 10.66 4.14 21.95
C VAL A 68 12.02 3.47 22.05
N THR A 69 12.50 2.97 20.92
CA THR A 69 13.86 2.44 20.79
C THR A 69 14.47 2.95 19.50
N MET A 70 15.61 3.61 19.63
CA MET A 70 16.34 4.21 18.53
C MET A 70 17.60 3.37 18.32
N THR A 71 17.86 2.95 17.08
CA THR A 71 19.05 2.19 16.75
C THR A 71 19.61 2.70 15.44
N ARG A 72 20.87 2.37 15.18
CA ARG A 72 21.51 2.72 13.92
C ARG A 72 22.38 1.55 13.48
N ASP A 73 22.52 1.40 12.17
CA ASP A 73 23.26 0.28 11.60
C ASP A 73 24.38 0.86 10.74
N ALA A 74 25.62 0.76 11.24
CA ALA A 74 26.73 1.33 10.50
C ALA A 74 26.96 0.60 9.17
N SER A 75 26.59 -0.68 9.09
CA SER A 75 26.85 -1.40 7.84
C SER A 75 25.92 -0.95 6.73
N THR A 76 24.66 -0.60 7.05
CA THR A 76 23.75 -0.10 6.04
C THR A 76 23.60 1.42 6.05
N GLY A 77 24.28 2.12 6.96
CA GLY A 77 24.15 3.57 7.02
C GLY A 77 22.73 4.02 7.27
N THR A 78 22.00 3.29 8.11
CA THR A 78 20.57 3.49 8.30
C THR A 78 20.27 3.70 9.78
N LEU A 79 19.38 4.66 10.06
CA LEU A 79 18.91 4.97 11.39
C LEU A 79 17.47 4.49 11.54
N TYR A 80 17.12 4.01 12.73
CA TYR A 80 15.78 3.46 12.98
C TYR A 80 15.15 4.09 14.21
N MET A 81 13.84 4.26 14.13
CA MET A 81 13.00 4.51 15.31
C MET A 81 11.91 3.46 15.37
N GLU A 82 11.82 2.76 16.49
CA GLU A 82 10.67 1.89 16.79
C GLU A 82 9.84 2.48 17.92
N LEU A 83 8.54 2.65 17.68
CA LEU A 83 7.63 3.18 18.67
C LEU A 83 6.56 2.12 18.94
N ARG A 84 6.44 1.72 20.21
CA ARG A 84 5.60 0.60 20.59
C ARG A 84 4.31 1.10 21.25
N SER A 85 3.38 0.16 21.44
CA SER A 85 2.13 0.43 22.16
C SER A 85 1.41 1.65 21.58
N LEU A 86 1.28 1.66 20.25
CA LEU A 86 0.77 2.83 19.56
C LEU A 86 -0.66 3.14 19.95
N ARG A 87 -0.97 4.43 20.05
CA ARG A 87 -2.31 4.97 20.25
C ARG A 87 -2.59 5.99 19.15
N SER A 88 -3.86 6.38 19.04
CA SER A 88 -4.25 7.32 17.98
C SER A 88 -3.54 8.66 18.13
N GLU A 89 -3.18 9.05 19.35
CA GLU A 89 -2.44 10.30 19.52
C GLU A 89 -1.01 10.21 19.00
N ASP A 90 -0.53 9.02 18.62
CA ASP A 90 0.75 8.88 17.93
C ASP A 90 0.64 9.14 16.44
N THR A 91 -0.56 9.40 15.92
CA THR A 91 -0.72 9.80 14.53
C THR A 91 0.04 11.09 14.29
N ALA A 92 1.00 11.06 13.37
CA ALA A 92 1.89 12.21 13.19
C ALA A 92 2.81 11.93 12.00
N VAL A 93 3.50 12.97 11.55
CA VAL A 93 4.65 12.83 10.67
C VAL A 93 5.91 12.75 11.54
N TYR A 94 6.73 11.74 11.30
CA TYR A 94 7.97 11.52 12.03
C TYR A 94 9.15 11.89 11.13
N TYR A 95 10.04 12.74 11.64
CA TYR A 95 11.23 13.21 10.92
C TYR A 95 12.49 12.68 11.60
N CYS A 96 13.46 12.24 10.80
CA CYS A 96 14.82 12.07 11.31
C CYS A 96 15.61 13.34 11.01
N ALA A 97 16.62 13.59 11.83
CA ALA A 97 17.42 14.80 11.67
C ALA A 97 18.84 14.56 12.13
N ARG A 98 19.77 15.23 11.46
CA ARG A 98 21.19 15.18 11.82
C ARG A 98 21.51 16.30 12.79
N GLY A 99 22.18 15.97 13.87
CA GLY A 99 22.74 16.98 14.75
C GLY A 99 24.09 17.47 14.25
N ALA A 100 24.22 18.77 14.01
CA ALA A 100 25.51 19.33 13.63
C ALA A 100 26.43 19.42 14.87
N ASP A 101 27.71 19.71 14.61
CA ASP A 101 28.64 19.86 15.73
C ASP A 101 28.20 20.95 16.71
N HIS A 102 27.49 21.96 16.21
CA HIS A 102 26.98 23.03 17.06
C HIS A 102 25.68 22.65 17.76
N GLY A 103 25.11 21.49 17.45
CA GLY A 103 23.98 20.95 18.17
C GLY A 103 22.64 21.07 17.47
N ALA A 104 22.47 22.08 16.61
CA ALA A 104 21.18 22.24 15.93
C ALA A 104 21.04 21.23 14.81
N PHE A 105 19.82 21.14 14.25
CA PHE A 105 19.46 20.05 13.35
C PHE A 105 19.61 20.56 11.92
N ASP A 106 20.72 20.21 11.25
CA ASP A 106 21.04 20.88 9.99
C ASP A 106 20.59 20.11 8.75
N ILE A 107 20.35 18.81 8.86
CA ILE A 107 19.80 18.00 7.76
C ILE A 107 18.57 17.29 8.29
N TRP A 108 17.48 17.30 7.51
CA TRP A 108 16.24 16.66 7.89
C TRP A 108 15.79 15.68 6.82
N GLY A 109 15.23 14.56 7.25
CA GLY A 109 14.55 13.66 6.35
C GLY A 109 13.24 14.25 5.86
N GLN A 110 12.62 13.58 4.88
CA GLN A 110 11.41 14.14 4.30
C GLN A 110 10.17 13.89 5.13
N GLY A 111 10.26 13.09 6.18
CA GLY A 111 9.12 12.77 7.03
C GLY A 111 8.47 11.46 6.63
N THR A 112 7.95 10.75 7.62
CA THR A 112 7.17 9.53 7.43
C THR A 112 5.83 9.71 8.14
N MET A 113 4.74 9.65 7.38
CA MET A 113 3.41 9.74 7.96
C MET A 113 3.03 8.42 8.62
N VAL A 114 2.63 8.48 9.88
CA VAL A 114 2.14 7.30 10.59
C VAL A 114 0.71 7.58 11.05
N THR A 115 -0.23 6.74 10.61
CA THR A 115 -1.62 6.80 11.04
C THR A 115 -1.87 5.64 11.99
N VAL A 116 -2.42 5.94 13.17
CA VAL A 116 -2.78 4.91 14.14
C VAL A 116 -4.29 4.98 14.35
N SER A 117 -5.00 3.92 13.96
CA SER A 117 -6.46 3.93 14.03
C SER A 117 -6.97 2.50 14.11
N SER A 118 -8.12 2.34 14.77
CA SER A 118 -8.69 1.03 15.10
C SER A 118 -8.78 0.05 13.92
N ALA A 119 -9.69 2.13 12.24
CA ALA A 119 -10.46 1.90 11.02
C ALA A 119 -9.78 0.88 10.14
N SER A 120 -10.55 0.29 9.22
CA SER A 120 -10.03 -0.55 8.17
C SER A 120 -10.06 0.21 6.84
N THR A 121 -9.18 -0.20 5.93
CA THR A 121 -9.11 0.39 4.61
C THR A 121 -10.49 0.42 3.97
N LYS A 122 -10.87 1.59 3.43
CA LYS A 122 -12.17 1.77 2.82
C LYS A 122 -12.08 2.88 1.76
N GLY A 123 -12.57 2.59 0.56
CA GLY A 123 -12.63 3.58 -0.48
C GLY A 123 -13.76 4.56 -0.27
N PRO A 124 -13.63 5.76 -0.83
CA PRO A 124 -14.65 6.80 -0.63
C PRO A 124 -15.88 6.58 -1.48
N SER A 125 -16.99 7.12 -1.00
CA SER A 125 -18.16 7.38 -1.83
C SER A 125 -18.08 8.83 -2.31
N VAL A 126 -18.37 9.04 -3.59
CA VAL A 126 -18.24 10.36 -4.20
C VAL A 126 -19.63 10.82 -4.61
N PHE A 127 -20.02 11.99 -4.12
CA PHE A 127 -21.33 12.55 -4.36
C PHE A 127 -21.22 13.93 -5.01
N PRO A 128 -22.15 14.27 -5.91
CA PRO A 128 -22.06 15.57 -6.59
C PRO A 128 -22.52 16.71 -5.71
N LEU A 129 -21.85 17.85 -5.86
CA LEU A 129 -22.33 19.14 -5.35
C LEU A 129 -22.73 19.93 -6.59
N ALA A 130 -24.00 19.78 -7.00
CA ALA A 130 -24.43 20.30 -8.28
C ALA A 130 -24.60 21.81 -8.24
N PRO A 131 -24.28 22.49 -9.34
CA PRO A 131 -24.56 23.92 -9.43
C PRO A 131 -26.04 24.18 -9.64
N SER A 132 -26.51 25.29 -9.09
CA SER A 132 -27.88 25.74 -9.26
C SER A 132 -27.89 27.25 -9.19
N SER A 133 -29.08 27.84 -9.19
CA SER A 133 -29.18 29.26 -8.85
C SER A 133 -28.83 29.51 -7.39
N LYS A 134 -28.79 28.47 -6.56
CA LYS A 134 -28.31 28.57 -5.19
C LYS A 134 -26.79 28.52 -5.11
N SER A 135 -26.13 28.17 -6.22
CA SER A 135 -24.68 28.19 -6.32
C SER A 135 -24.19 29.13 -7.41
N THR A 136 -24.99 30.13 -7.76
CA THR A 136 -24.66 31.02 -8.88
C THR A 136 -24.68 32.47 -8.41
N SER A 137 -23.52 33.13 -8.48
CA SER A 137 -23.34 34.56 -8.30
C SER A 137 -23.63 35.28 -9.60
N GLY A 138 -23.10 36.49 -9.76
CA GLY A 138 -23.32 37.25 -10.98
C GLY A 138 -22.52 36.71 -12.15
N GLY A 139 -22.99 35.59 -12.71
CA GLY A 139 -22.37 34.95 -13.85
C GLY A 139 -21.38 33.86 -13.51
N THR A 140 -21.19 33.56 -12.24
CA THR A 140 -20.25 32.54 -11.79
C THR A 140 -20.98 31.52 -10.93
N ALA A 141 -20.80 30.25 -11.22
CA ALA A 141 -21.43 29.17 -10.48
C ALA A 141 -20.37 28.32 -9.78
N ALA A 142 -20.74 27.77 -8.63
CA ALA A 142 -19.89 26.85 -7.89
C ALA A 142 -20.48 25.44 -7.95
N LEU A 143 -19.61 24.46 -8.16
CA LEU A 143 -19.99 23.05 -8.11
C LEU A 143 -18.84 22.27 -7.48
N GLY A 144 -19.10 21.00 -7.16
CA GLY A 144 -18.06 20.22 -6.55
C GLY A 144 -18.42 18.76 -6.38
N CYS A 145 -17.53 18.04 -5.68
CA CYS A 145 -17.73 16.66 -5.30
C CYS A 145 -17.44 16.48 -3.82
N LEU A 146 -18.34 15.77 -3.14
CA LEU A 146 -18.14 15.38 -1.75
C LEU A 146 -17.52 13.99 -1.70
N VAL A 147 -16.34 13.89 -1.13
CA VAL A 147 -15.56 12.65 -1.10
C VAL A 147 -15.63 12.13 0.34
N LYS A 148 -16.49 11.15 0.60
CA LYS A 148 -16.89 10.84 1.96
C LYS A 148 -16.50 9.42 2.37
N ASP A 149 -16.13 9.27 3.64
CA ASP A 149 -16.03 7.99 4.33
C ASP A 149 -14.95 7.08 3.72
N TYR A 150 -13.70 7.54 3.80
CA TYR A 150 -12.57 6.75 3.34
C TYR A 150 -11.50 6.68 4.43
N PHE A 151 -10.67 5.63 4.34
CA PHE A 151 -9.56 5.42 5.24
C PHE A 151 -8.53 4.55 4.54
N PRO A 152 -7.23 4.82 4.69
CA PRO A 152 -6.63 5.98 5.37
C PRO A 152 -6.45 7.15 4.40
N GLU A 153 -5.80 8.21 4.84
CA GLU A 153 -5.36 9.25 3.94
C GLU A 153 -4.30 8.64 3.02
N PRO A 154 -4.05 9.23 1.85
CA PRO A 154 -4.66 10.37 1.17
C PRO A 154 -5.60 9.97 0.05
N VAL A 155 -6.43 10.92 -0.38
CA VAL A 155 -7.10 10.83 -1.67
C VAL A 155 -6.59 11.97 -2.52
N THR A 156 -6.66 11.79 -3.83
CA THR A 156 -6.38 12.88 -4.76
C THR A 156 -7.64 13.15 -5.56
N VAL A 157 -7.87 14.42 -5.87
CA VAL A 157 -9.00 14.84 -6.68
C VAL A 157 -8.47 15.72 -7.81
N SER A 158 -8.90 15.45 -9.03
CA SER A 158 -8.67 16.29 -10.18
C SER A 158 -10.00 16.54 -10.86
N TRP A 159 -10.01 17.50 -11.78
CA TRP A 159 -11.21 17.84 -12.53
C TRP A 159 -10.92 17.73 -14.02
N ASN A 160 -11.80 17.02 -14.74
CA ASN A 160 -11.67 16.84 -16.18
C ASN A 160 -10.30 16.28 -16.55
N SER A 161 -9.86 15.28 -15.79
CA SER A 161 -8.59 14.59 -16.03
C SER A 161 -7.40 15.54 -15.97
N GLY A 162 -7.53 16.62 -15.19
CA GLY A 162 -6.48 17.60 -15.04
C GLY A 162 -6.60 18.81 -15.95
N ALA A 163 -7.55 18.80 -16.89
CA ALA A 163 -7.72 19.92 -17.80
C ALA A 163 -8.28 21.16 -17.10
N LEU A 164 -9.00 20.98 -16.00
CA LEU A 164 -9.57 22.08 -15.23
C LEU A 164 -8.79 22.21 -13.93
N THR A 165 -8.08 23.33 -13.76
CA THR A 165 -7.32 23.58 -12.54
C THR A 165 -7.66 24.94 -11.95
N SER A 166 -7.97 25.91 -12.80
CA SER A 166 -8.22 27.26 -12.32
C SER A 166 -9.52 27.32 -11.52
N GLY A 167 -9.45 27.94 -10.35
CA GLY A 167 -10.62 28.07 -9.50
C GLY A 167 -10.97 26.85 -8.67
N VAL A 168 -10.15 25.81 -8.70
CA VAL A 168 -10.42 24.61 -7.90
C VAL A 168 -9.88 24.83 -6.49
N HIS A 169 -10.68 24.47 -5.48
CA HIS A 169 -10.25 24.37 -4.10
C HIS A 169 -10.58 22.98 -3.59
N THR A 170 -9.57 22.17 -3.35
CA THR A 170 -9.77 20.86 -2.75
C THR A 170 -9.40 20.98 -1.27
N PHE A 171 -10.40 20.82 -0.40
CA PHE A 171 -10.22 21.08 1.01
C PHE A 171 -9.44 19.97 1.69
N PRO A 172 -8.71 20.30 2.76
CA PRO A 172 -8.07 19.24 3.55
C PRO A 172 -9.12 18.35 4.16
N ALA A 173 -8.78 17.07 4.29
CA ALA A 173 -9.69 16.10 4.86
C ALA A 173 -9.92 16.37 6.34
N VAL A 174 -11.11 16.01 6.80
CA VAL A 174 -11.47 16.09 8.21
C VAL A 174 -11.80 14.68 8.69
N LEU A 175 -11.32 14.34 9.87
CA LEU A 175 -11.60 13.03 10.45
C LEU A 175 -12.96 13.06 11.15
N GLN A 176 -13.87 12.19 10.72
CA GLN A 176 -15.18 12.11 11.35
C GLN A 176 -15.13 11.19 12.57
N SER A 177 -16.17 11.30 13.41
CA SER A 177 -16.24 10.49 14.63
C SER A 177 -16.29 9.01 14.32
N SER A 178 -16.69 8.64 13.10
CA SER A 178 -16.65 7.25 12.66
C SER A 178 -15.23 6.72 12.50
N GLY A 179 -14.22 7.60 12.51
CA GLY A 179 -12.87 7.20 12.17
C GLY A 179 -12.56 7.20 10.69
N LEU A 180 -13.52 7.61 9.85
CA LEU A 180 -13.30 7.77 8.42
C LEU A 180 -13.11 9.25 8.09
N TYR A 181 -12.38 9.51 7.02
CA TYR A 181 -12.11 10.86 6.54
C TYR A 181 -13.16 11.30 5.53
N SER A 182 -13.27 12.61 5.36
CA SER A 182 -14.15 13.16 4.34
C SER A 182 -13.59 14.51 3.93
N LEU A 183 -13.75 14.84 2.64
CA LEU A 183 -13.42 16.16 2.15
C LEU A 183 -14.33 16.50 0.97
N SER A 184 -14.27 17.77 0.57
CA SER A 184 -14.97 18.24 -0.60
C SER A 184 -13.96 18.93 -1.52
N SER A 185 -14.23 18.85 -2.81
CA SER A 185 -13.49 19.60 -3.82
C SER A 185 -14.50 20.42 -4.61
N VAL A 186 -14.24 21.72 -4.74
CA VAL A 186 -15.16 22.65 -5.41
C VAL A 186 -14.42 23.40 -6.50
N VAL A 187 -15.20 23.95 -7.43
CA VAL A 187 -14.65 24.80 -8.48
C VAL A 187 -15.72 25.80 -8.88
N THR A 188 -15.29 27.01 -9.21
CA THR A 188 -16.17 28.06 -9.72
C THR A 188 -15.97 28.21 -11.21
N VAL A 189 -17.07 28.27 -11.96
CA VAL A 189 -17.05 28.24 -13.42
C VAL A 189 -18.05 29.26 -13.95
N PRO A 190 -17.88 29.67 -15.21
CA PRO A 190 -18.90 30.53 -15.82
C PRO A 190 -20.25 29.82 -15.91
N SER A 191 -21.29 30.46 -15.38
CA SER A 191 -22.63 29.88 -15.45
C SER A 191 -23.16 29.82 -16.87
N SER A 192 -22.66 30.70 -17.76
CA SER A 192 -23.14 30.70 -19.14
C SER A 192 -22.78 29.41 -19.87
N SER A 193 -21.74 28.71 -19.42
CA SER A 193 -21.25 27.53 -20.10
C SER A 193 -21.68 26.22 -19.45
N LEU A 194 -22.58 26.28 -18.45
CA LEU A 194 -22.97 25.06 -17.74
C LEU A 194 -23.68 24.05 -18.63
N GLY A 195 -24.22 24.48 -19.77
CA GLY A 195 -24.93 23.56 -20.64
C GLY A 195 -24.10 23.03 -21.79
N THR A 196 -22.92 23.60 -22.00
CA THR A 196 -22.03 23.20 -23.09
C THR A 196 -20.67 22.73 -22.59
N GLN A 197 -20.45 22.69 -21.28
CA GLN A 197 -19.20 22.20 -20.70
C GLN A 197 -19.52 21.07 -19.72
N THR A 198 -18.69 20.05 -19.72
CA THR A 198 -18.85 18.88 -18.88
C THR A 198 -17.85 18.95 -17.74
N TYR A 199 -18.31 18.69 -16.51
CA TYR A 199 -17.47 18.79 -15.33
C TYR A 199 -17.47 17.44 -14.60
N ILE A 200 -16.30 16.82 -14.51
CA ILE A 200 -16.12 15.50 -13.91
C ILE A 200 -14.99 15.59 -12.90
N CYS A 201 -15.24 15.13 -11.69
CA CYS A 201 -14.19 15.03 -10.68
C CYS A 201 -13.65 13.61 -10.66
N ASN A 202 -12.33 13.49 -10.66
CA ASN A 202 -11.64 12.21 -10.69
C ASN A 202 -11.03 11.98 -9.32
N VAL A 203 -11.50 10.94 -8.63
CA VAL A 203 -11.09 10.66 -7.26
C VAL A 203 -10.31 9.36 -7.26
N ASN A 204 -9.09 9.42 -6.73
CA ASN A 204 -8.23 8.25 -6.58
C ASN A 204 -7.91 8.06 -5.10
N HIS A 205 -8.18 6.86 -4.59
CA HIS A 205 -7.78 6.45 -3.24
C HIS A 205 -6.90 5.22 -3.41
N LYS A 206 -5.59 5.45 -3.51
CA LYS A 206 -4.65 4.37 -3.75
C LYS A 206 -4.69 3.27 -2.70
N PRO A 207 -4.80 3.54 -1.39
CA PRO A 207 -4.81 2.45 -0.40
C PRO A 207 -5.88 1.40 -0.63
N SER A 208 -7.00 1.75 -1.27
CA SER A 208 -8.06 0.80 -1.53
C SER A 208 -8.18 0.44 -3.01
N ASN A 209 -7.27 0.93 -3.85
CA ASN A 209 -7.33 0.73 -5.30
C ASN A 209 -8.67 1.18 -5.85
N THR A 210 -9.15 2.32 -5.35
CA THR A 210 -10.43 2.88 -5.76
C THR A 210 -10.19 4.05 -6.71
N LYS A 211 -10.89 4.04 -7.84
CA LYS A 211 -10.89 5.14 -8.79
C LYS A 211 -12.34 5.45 -9.12
N VAL A 212 -12.72 6.72 -8.98
CA VAL A 212 -14.10 7.13 -9.24
C VAL A 212 -14.09 8.42 -10.04
N ASP A 213 -14.77 8.41 -11.19
CA ASP A 213 -15.07 9.62 -11.94
C ASP A 213 -16.55 9.93 -11.77
N LYS A 214 -16.84 11.14 -11.30
CA LYS A 214 -18.24 11.54 -11.09
C LYS A 214 -18.57 12.79 -11.92
N LYS A 215 -19.54 12.64 -12.83
CA LYS A 215 -20.00 13.81 -13.60
C LYS A 215 -20.91 14.63 -12.69
N VAL A 216 -20.68 15.94 -12.67
CA VAL A 216 -21.50 16.83 -11.82
C VAL A 216 -22.47 17.52 -12.77
N GLU A 217 -23.74 17.15 -12.69
CA GLU A 217 -24.75 17.58 -13.64
C GLU A 217 -25.44 18.84 -13.14
N PRO A 218 -25.58 19.86 -13.97
CA PRO A 218 -26.24 21.10 -13.53
C PRO A 218 -27.71 20.83 -13.24
N LYS A 219 -28.31 21.75 -12.48
CA LYS A 219 -29.73 21.70 -12.17
C LYS A 219 -30.38 22.96 -12.71
N SER A 220 -31.18 22.82 -13.77
CA SER A 220 -31.90 23.96 -14.33
C SER A 220 -32.99 24.46 -13.37
N CYS A 221 -33.35 23.67 -12.37
CA CYS A 221 -34.36 24.06 -11.40
C CYS A 221 -33.85 23.90 -9.97
N GLU B 1 10.98 22.12 33.67
CA GLU B 1 11.48 22.08 32.30
C GLU B 1 11.36 23.44 31.63
N ILE B 2 12.40 23.82 30.88
CA ILE B 2 12.34 25.06 30.10
C ILE B 2 11.13 25.03 29.18
N VAL B 3 10.52 26.20 29.00
CA VAL B 3 9.40 26.38 28.08
C VAL B 3 9.71 27.59 27.22
N LEU B 4 9.52 27.44 25.90
CA LEU B 4 9.79 28.50 24.94
C LEU B 4 8.48 29.10 24.47
N THR B 5 8.29 30.39 24.70
CA THR B 5 7.06 31.10 24.32
C THR B 5 7.34 31.97 23.10
N GLN B 6 6.68 31.65 21.97
CA GLN B 6 6.80 32.43 20.74
C GLN B 6 5.69 33.46 20.60
N SER B 7 6.04 34.64 20.07
CA SER B 7 5.11 35.72 19.81
C SER B 7 5.47 36.41 18.50
N PRO B 8 4.46 36.79 17.70
CA PRO B 8 3.06 36.44 17.91
C PRO B 8 2.77 35.04 17.41
N GLY B 9 1.59 34.50 17.72
CA GLY B 9 1.21 33.21 17.16
C GLY B 9 1.01 33.28 15.65
N THR B 10 0.47 34.39 15.16
CA THR B 10 0.30 34.62 13.73
C THR B 10 0.73 36.06 13.42
N LEU B 11 1.48 36.21 12.33
CA LEU B 11 1.99 37.50 11.90
C LEU B 11 1.56 37.71 10.46
N SER B 12 0.79 38.78 10.20
CA SER B 12 0.27 39.06 8.87
C SER B 12 1.01 40.27 8.31
N LEU B 13 1.79 40.06 7.25
CA LEU B 13 2.60 41.10 6.66
C LEU B 13 2.62 40.94 5.14
N SER B 14 2.94 42.03 4.43
CA SER B 14 2.99 42.00 2.98
C SER B 14 4.42 41.73 2.49
N PRO B 15 4.58 41.23 1.26
CA PRO B 15 5.93 41.08 0.72
C PRO B 15 6.65 42.41 0.67
N GLY B 16 7.94 42.39 1.03
CA GLY B 16 8.73 43.59 1.11
C GLY B 16 8.80 44.23 2.48
N GLU B 17 7.97 43.81 3.42
CA GLU B 17 8.00 44.37 4.77
C GLU B 17 8.95 43.58 5.66
N ARG B 18 9.32 44.21 6.78
CA ARG B 18 10.22 43.60 7.74
C ARG B 18 9.43 42.80 8.78
N ALA B 19 9.88 41.59 9.05
CA ALA B 19 9.22 40.69 10.00
C ALA B 19 10.09 40.54 11.22
N THR B 20 9.50 40.68 12.41
CA THR B 20 10.18 40.51 13.68
C THR B 20 9.46 39.44 14.49
N LEU B 21 10.15 38.33 14.77
CA LEU B 21 9.59 37.21 15.51
C LEU B 21 10.38 37.03 16.80
N SER B 22 9.67 36.77 17.91
CA SER B 22 10.28 36.74 19.22
C SER B 22 10.05 35.39 19.90
N CYS B 23 11.01 35.03 20.75
CA CYS B 23 10.96 33.81 21.56
C CYS B 23 11.47 34.17 22.95
N ARG B 24 10.72 33.81 23.98
CA ARG B 24 11.12 34.01 25.37
C ARG B 24 11.25 32.67 26.07
N ALA B 25 12.44 32.41 26.62
CA ALA B 25 12.66 31.20 27.41
C ALA B 25 12.27 31.46 28.86
N SER B 26 11.70 30.44 29.49
CA SER B 26 11.27 30.57 30.88
C SER B 26 12.46 30.65 31.85
N GLN B 27 13.64 30.22 31.42
CA GLN B 27 14.86 30.41 32.20
C GLN B 27 16.01 30.60 31.21
N SER B 28 17.15 31.06 31.75
CA SER B 28 18.27 31.46 30.92
C SER B 28 18.77 30.30 30.04
N VAL B 29 19.11 30.63 28.79
CA VAL B 29 19.53 29.65 27.81
C VAL B 29 21.05 29.53 27.89
N ARG B 30 21.53 28.39 28.38
CA ARG B 30 22.96 28.17 28.55
C ARG B 30 23.68 28.23 27.21
N ARG B 31 24.78 28.99 27.16
CA ARG B 31 25.70 29.06 26.02
C ARG B 31 25.04 29.48 24.71
N ASN B 32 23.88 30.13 24.77
CA ASN B 32 23.16 30.56 23.57
C ASN B 32 22.93 29.39 22.61
N TYR B 33 22.65 28.22 23.18
CA TYR B 33 22.28 27.02 22.42
C TYR B 33 20.83 27.21 21.95
N PHE B 34 20.70 27.93 20.84
CA PHE B 34 19.42 28.44 20.40
C PHE B 34 19.40 28.50 18.89
N ALA B 35 18.30 28.05 18.29
CA ALA B 35 18.20 27.90 16.84
C ALA B 35 16.84 28.37 16.36
N TRP B 36 16.77 28.74 15.09
CA TRP B 36 15.52 29.06 14.41
C TRP B 36 15.36 28.18 13.17
N TYR B 37 14.14 27.69 12.95
CA TYR B 37 13.80 26.86 11.80
C TYR B 37 12.61 27.44 11.04
N GLN B 38 12.61 27.20 9.74
CA GLN B 38 11.48 27.51 8.86
C GLN B 38 10.81 26.20 8.44
N GLN B 39 9.47 26.19 8.38
CA GLN B 39 8.77 25.04 7.83
C GLN B 39 7.67 25.50 6.90
N LYS B 40 7.83 25.19 5.62
CA LYS B 40 6.81 25.46 4.61
C LYS B 40 5.80 24.31 4.59
N ARG B 41 4.61 24.60 4.08
CA ARG B 41 3.52 23.63 4.13
C ARG B 41 3.91 22.32 3.44
N GLY B 42 3.68 21.22 4.13
CA GLY B 42 3.98 19.89 3.60
C GLY B 42 5.44 19.55 3.47
N GLN B 43 6.32 20.32 4.10
CA GLN B 43 7.76 20.17 3.94
C GLN B 43 8.40 19.93 5.31
N ALA B 44 9.60 19.38 5.28
CA ALA B 44 10.39 19.25 6.50
C ALA B 44 10.91 20.63 6.94
N PRO B 45 11.17 20.81 8.24
CA PRO B 45 11.79 22.06 8.69
C PRO B 45 13.19 22.22 8.12
N ARG B 46 13.65 23.46 8.08
CA ARG B 46 14.99 23.77 7.64
C ARG B 46 15.64 24.75 8.61
N LEU B 47 16.89 24.47 8.96
CA LEU B 47 17.62 25.31 9.91
C LEU B 47 17.94 26.66 9.28
N LEU B 48 17.62 27.74 9.99
CA LEU B 48 17.96 29.09 9.54
C LEU B 48 19.12 29.70 10.29
N ILE B 49 19.07 29.64 11.63
CA ILE B 49 19.99 30.32 12.54
C ILE B 49 20.39 29.32 13.62
N TYR B 50 21.66 29.34 14.01
CA TYR B 50 22.09 28.56 15.15
C TYR B 50 23.02 29.42 16.00
N ASP B 51 23.29 28.98 17.22
CA ASP B 51 24.03 29.79 18.21
C ASP B 51 23.42 31.18 18.36
N ALA B 52 22.11 31.25 18.19
CA ALA B 52 21.23 32.41 18.34
C ALA B 52 21.39 33.48 17.27
N SER B 53 22.55 33.53 16.61
CA SER B 53 22.80 34.61 15.66
C SER B 53 23.62 34.22 14.43
N THR B 54 23.99 32.95 14.28
CA THR B 54 24.79 32.52 13.14
C THR B 54 23.88 31.93 12.06
N ARG B 55 23.91 32.53 10.88
CA ARG B 55 23.16 32.03 9.74
C ARG B 55 23.76 30.72 9.25
N ALA B 56 22.90 29.72 9.02
CA ALA B 56 23.37 28.47 8.45
C ALA B 56 23.79 28.67 7.00
N THR B 57 24.66 27.78 6.53
CA THR B 57 25.14 27.88 5.17
C THR B 57 23.98 27.78 4.17
N GLY B 58 24.01 28.67 3.16
CA GLY B 58 23.00 28.68 2.13
C GLY B 58 21.74 29.45 2.46
N ILE B 59 21.64 30.02 3.66
CA ILE B 59 20.43 30.74 4.07
C ILE B 59 20.56 32.19 3.59
N PRO B 60 19.51 32.76 2.97
CA PRO B 60 19.60 34.15 2.51
C PRO B 60 19.96 35.10 3.63
N ASP B 61 20.73 36.13 3.31
CA ASP B 61 21.19 37.02 4.36
C ASP B 61 20.12 38.00 4.82
N ARG B 62 18.91 37.95 4.25
CA ARG B 62 17.82 38.70 4.84
C ARG B 62 17.32 38.08 6.14
N PHE B 63 17.74 36.87 6.48
CA PHE B 63 17.45 36.28 7.78
C PHE B 63 18.58 36.61 8.75
N SER B 64 18.22 37.06 9.96
CA SER B 64 19.20 37.27 11.01
C SER B 64 18.56 37.00 12.36
N GLY B 65 19.41 36.68 13.34
CA GLY B 65 18.94 36.44 14.68
C GLY B 65 19.81 37.16 15.69
N SER B 66 19.21 37.44 16.85
CA SER B 66 19.98 37.99 17.96
C SER B 66 19.31 37.62 19.27
N GLY B 67 20.05 37.84 20.35
CA GLY B 67 19.54 37.67 21.70
C GLY B 67 20.48 36.86 22.55
N SER B 68 20.11 36.74 23.82
CA SER B 68 20.88 36.01 24.83
C SER B 68 20.04 35.98 26.10
N GLY B 69 20.42 35.11 27.02
CA GLY B 69 19.65 34.95 28.24
C GLY B 69 18.29 34.33 27.96
N THR B 70 17.22 35.11 28.11
CA THR B 70 15.88 34.58 27.91
C THR B 70 15.17 35.14 26.67
N ASP B 71 15.74 36.12 25.99
CA ASP B 71 15.03 36.81 24.92
C ASP B 71 15.78 36.72 23.60
N PHE B 72 15.09 36.24 22.57
CA PHE B 72 15.69 35.98 21.28
C PHE B 72 14.75 36.47 20.18
N THR B 73 15.34 36.91 19.07
CA THR B 73 14.58 37.52 17.99
C THR B 73 15.09 37.00 16.65
N LEU B 74 14.16 36.65 15.77
CA LEU B 74 14.45 36.39 14.37
C LEU B 74 13.88 37.52 13.54
N THR B 75 14.70 38.08 12.65
CA THR B 75 14.30 39.17 11.78
C THR B 75 14.44 38.75 10.32
N ILE B 76 13.41 39.02 9.54
CA ILE B 76 13.48 38.94 8.08
C ILE B 76 13.40 40.37 7.57
N SER B 77 14.50 40.87 7.01
CA SER B 77 14.62 42.30 6.75
C SER B 77 13.62 42.78 5.72
N ARG B 78 13.40 41.98 4.67
CA ARG B 78 12.41 42.25 3.62
C ARG B 78 11.79 40.93 3.20
N LEU B 79 10.48 40.78 3.39
CA LEU B 79 9.82 39.52 3.10
C LEU B 79 9.71 39.28 1.61
N GLU B 80 10.04 38.08 1.17
CA GLU B 80 9.79 37.60 -0.17
C GLU B 80 8.67 36.56 -0.13
N PRO B 81 8.02 36.26 -1.26
CA PRO B 81 6.91 35.29 -1.25
C PRO B 81 7.28 33.96 -0.62
N GLU B 82 8.49 33.47 -0.88
CA GLU B 82 8.92 32.18 -0.36
C GLU B 82 9.09 32.17 1.16
N ASP B 83 9.08 33.34 1.81
CA ASP B 83 9.31 33.44 3.24
C ASP B 83 8.06 33.24 4.08
N PHE B 84 6.88 33.15 3.46
CA PHE B 84 5.66 32.99 4.25
C PHE B 84 5.52 31.51 4.59
N ALA B 85 5.63 31.20 5.86
CA ALA B 85 5.78 29.84 6.36
C ALA B 85 5.60 29.89 7.88
N VAL B 86 5.79 28.73 8.51
CA VAL B 86 5.82 28.64 9.97
C VAL B 86 7.27 28.71 10.42
N TYR B 87 7.53 29.44 11.50
CA TYR B 87 8.87 29.55 12.06
C TYR B 87 8.87 29.04 13.50
N TYR B 88 9.86 28.23 13.84
CA TYR B 88 10.01 27.66 15.17
C TYR B 88 11.34 28.06 15.78
N CYS B 89 11.32 28.46 17.04
CA CYS B 89 12.56 28.58 17.78
C CYS B 89 12.83 27.27 18.51
N GLN B 90 14.09 27.10 18.92
CA GLN B 90 14.50 25.87 19.58
C GLN B 90 15.60 26.18 20.57
N GLN B 91 15.50 25.62 21.77
CA GLN B 91 16.53 25.64 22.79
C GLN B 91 17.06 24.23 23.04
N TYR B 92 18.35 24.11 23.34
CA TYR B 92 18.88 22.77 23.59
C TYR B 92 20.02 22.84 24.59
N ASP B 93 20.32 21.68 25.16
CA ASP B 93 21.44 21.53 26.08
C ASP B 93 22.00 20.14 25.94
N SER B 94 23.27 20.00 26.31
CA SER B 94 24.05 18.79 26.10
C SER B 94 24.13 17.89 27.32
N SER B 95 24.10 18.44 28.53
CA SER B 95 24.36 17.67 29.75
C SER B 95 23.27 17.95 30.76
N PRO B 96 22.16 17.18 30.73
CA PRO B 96 21.82 16.10 29.81
C PRO B 96 21.18 16.58 28.51
N PRO B 97 21.16 15.73 27.47
CA PRO B 97 20.57 16.14 26.19
C PRO B 97 19.10 16.50 26.35
N MET B 98 18.73 17.68 25.86
CA MET B 98 17.33 18.10 25.84
C MET B 98 17.17 19.14 24.74
N TYR B 99 16.05 19.04 24.01
CA TYR B 99 15.78 19.93 22.89
C TYR B 99 14.31 20.32 22.98
N ILE B 100 14.05 21.62 23.04
CA ILE B 100 12.69 22.16 23.22
C ILE B 100 12.39 23.13 22.09
N PHE B 101 11.16 23.07 21.59
CA PHE B 101 10.72 23.93 20.50
C PHE B 101 9.66 24.89 21.01
N GLY B 102 9.66 26.10 20.45
CA GLY B 102 8.52 26.98 20.60
C GLY B 102 7.32 26.43 19.85
N GLN B 103 6.16 27.03 20.10
CA GLN B 103 4.93 26.52 19.52
C GLN B 103 4.71 26.98 18.07
N GLY B 104 5.58 27.81 17.52
CA GLY B 104 5.47 28.23 16.14
C GLY B 104 4.76 29.56 15.93
N THR B 105 5.25 30.32 14.94
CA THR B 105 4.61 31.53 14.46
C THR B 105 4.32 31.34 12.99
N LYS B 106 3.06 31.48 12.62
CA LYS B 106 2.65 31.47 11.21
C LYS B 106 2.82 32.85 10.63
N LEU B 107 3.68 32.97 9.61
CA LEU B 107 3.85 34.21 8.87
C LEU B 107 2.94 34.16 7.65
N GLU B 108 1.87 34.95 7.69
CA GLU B 108 0.78 34.92 6.73
C GLU B 108 0.82 36.16 5.84
N ILE B 109 0.32 36.01 4.61
CA ILE B 109 0.40 37.10 3.64
C ILE B 109 -0.70 38.12 3.95
N LYS B 110 -0.30 39.30 4.41
CA LYS B 110 -1.15 40.49 4.42
C LYS B 110 -0.71 41.43 3.31
N ARG B 111 -3.37 40.85 2.64
CA ARG B 111 -3.82 41.55 1.46
C ARG B 111 -5.01 42.38 1.86
N THR B 112 -5.66 42.98 0.87
CA THR B 112 -6.86 43.74 1.15
C THR B 112 -8.00 42.82 1.57
N VAL B 113 -8.95 43.38 2.30
CA VAL B 113 -10.11 42.61 2.74
C VAL B 113 -10.89 42.15 1.53
N ALA B 114 -11.37 40.90 1.58
CA ALA B 114 -12.23 40.35 0.54
C ALA B 114 -13.34 39.59 1.22
N ALA B 115 -14.58 40.02 1.01
CA ALA B 115 -15.71 39.32 1.60
C ALA B 115 -15.94 38.01 0.86
N PRO B 116 -16.39 36.97 1.55
CA PRO B 116 -16.61 35.68 0.89
C PRO B 116 -17.82 35.71 -0.02
N SER B 117 -17.74 34.94 -1.11
CA SER B 117 -18.91 34.51 -1.85
C SER B 117 -19.42 33.22 -1.21
N VAL B 118 -20.73 33.14 -0.99
CA VAL B 118 -21.32 32.06 -0.20
C VAL B 118 -22.23 31.23 -1.10
N PHE B 119 -22.08 29.91 -1.04
CA PHE B 119 -22.87 28.96 -1.80
C PHE B 119 -23.32 27.83 -0.88
N ILE B 120 -24.51 27.28 -1.14
CA ILE B 120 -25.01 26.16 -0.34
C ILE B 120 -25.40 25.02 -1.28
N PHE B 121 -25.14 23.79 -0.82
CA PHE B 121 -25.36 22.59 -1.62
C PHE B 121 -26.21 21.61 -0.83
N PRO B 122 -27.42 21.29 -1.28
CA PRO B 122 -28.21 20.25 -0.61
C PRO B 122 -27.60 18.88 -0.86
N PRO B 123 -27.90 17.89 -0.01
CA PRO B 123 -27.43 16.53 -0.29
C PRO B 123 -28.04 15.99 -1.56
N SER B 124 -27.28 15.13 -2.24
CA SER B 124 -27.77 14.52 -3.47
C SER B 124 -28.72 13.37 -3.14
N ASP B 125 -29.63 13.09 -4.08
CA ASP B 125 -30.44 11.89 -3.98
C ASP B 125 -29.56 10.66 -3.85
N GLU B 126 -28.45 10.62 -4.58
CA GLU B 126 -27.51 9.51 -4.47
C GLU B 126 -27.10 9.30 -3.02
N GLN B 127 -26.69 10.38 -2.32
CA GLN B 127 -26.28 10.23 -0.93
C GLN B 127 -27.46 9.84 -0.06
N LEU B 128 -28.63 10.42 -0.32
CA LEU B 128 -29.80 10.13 0.52
C LEU B 128 -30.10 8.64 0.54
N LYS B 129 -29.85 7.95 -0.58
CA LYS B 129 -30.05 6.50 -0.65
C LYS B 129 -29.30 5.74 0.43
N SER B 130 -28.15 6.25 0.87
CA SER B 130 -27.27 5.51 1.76
C SER B 130 -27.52 5.80 3.23
N GLY B 131 -28.51 6.62 3.56
CA GLY B 131 -28.89 6.85 4.94
C GLY B 131 -28.26 8.06 5.62
N THR B 132 -27.55 8.91 4.87
CA THR B 132 -26.95 10.10 5.46
C THR B 132 -27.16 11.28 4.52
N ALA B 133 -27.28 12.47 5.10
CA ALA B 133 -27.45 13.70 4.35
C ALA B 133 -26.34 14.67 4.76
N SER B 134 -25.57 15.13 3.77
CA SER B 134 -24.52 16.11 3.99
C SER B 134 -24.94 17.41 3.31
N VAL B 135 -24.99 18.49 4.08
CA VAL B 135 -25.27 19.82 3.54
C VAL B 135 -23.96 20.61 3.60
N VAL B 136 -23.56 21.19 2.47
CA VAL B 136 -22.26 21.86 2.36
C VAL B 136 -22.49 23.33 2.12
N CYS B 137 -21.90 24.16 2.98
CA CYS B 137 -21.84 25.60 2.80
C CYS B 137 -20.42 25.99 2.44
N LEU B 138 -20.27 26.75 1.34
CA LEU B 138 -18.96 27.13 0.81
C LEU B 138 -18.76 28.64 0.95
N LEU B 139 -17.64 29.03 1.57
CA LEU B 139 -17.20 30.42 1.65
C LEU B 139 -15.96 30.52 0.77
N ASN B 140 -16.04 31.28 -0.33
CA ASN B 140 -15.02 31.25 -1.36
C ASN B 140 -14.24 32.56 -1.43
N ASN B 141 -12.90 32.44 -1.42
CA ASN B 141 -11.97 33.51 -1.77
C ASN B 141 -12.17 34.75 -0.88
N PHE B 142 -11.94 34.57 0.42
CA PHE B 142 -12.09 35.66 1.36
C PHE B 142 -10.77 35.94 2.11
N TYR B 143 -10.72 37.12 2.72
CA TYR B 143 -9.60 37.56 3.53
C TYR B 143 -10.08 38.65 4.47
N PRO B 144 -9.67 38.63 5.75
CA PRO B 144 -8.80 37.64 6.39
C PRO B 144 -9.50 36.32 6.76
N ARG B 145 -8.76 35.44 7.44
CA ARG B 145 -9.19 34.06 7.66
C ARG B 145 -10.41 33.96 8.56
N GLU B 146 -10.54 34.88 9.51
CA GLU B 146 -11.59 34.76 10.51
C GLU B 146 -12.98 34.89 9.91
N ALA B 147 -13.84 33.92 10.20
CA ALA B 147 -15.21 33.93 9.70
C ALA B 147 -16.06 33.04 10.62
N LYS B 148 -17.35 33.39 10.70
CA LYS B 148 -18.32 32.63 11.48
C LYS B 148 -19.37 32.04 10.54
N VAL B 149 -19.62 30.74 10.70
CA VAL B 149 -20.68 30.05 9.97
C VAL B 149 -21.63 29.44 10.99
N GLN B 150 -22.91 29.76 10.87
CA GLN B 150 -23.96 29.22 11.74
C GLN B 150 -25.01 28.50 10.89
N TRP B 151 -25.37 27.29 11.31
CA TRP B 151 -26.38 26.48 10.64
C TRP B 151 -27.71 26.64 11.37
N LYS B 152 -28.78 26.86 10.62
CA LYS B 152 -30.13 26.84 11.17
C LYS B 152 -31.02 25.93 10.33
N VAL B 153 -31.79 25.07 11.01
CA VAL B 153 -32.70 24.13 10.37
C VAL B 153 -34.11 24.46 10.82
N ASP B 154 -34.96 24.88 9.88
CA ASP B 154 -36.28 25.40 10.22
C ASP B 154 -36.18 26.46 11.30
N ASN B 155 -35.19 27.34 11.14
CA ASN B 155 -34.89 28.46 12.03
C ASN B 155 -34.40 28.02 13.40
N ALA B 156 -33.94 26.78 13.55
CA ALA B 156 -33.40 26.28 14.81
C ALA B 156 -31.89 26.16 14.70
N LEU B 157 -31.17 26.80 15.62
CA LEU B 157 -29.72 26.87 15.53
C LEU B 157 -29.08 25.53 15.86
N GLN B 158 -28.20 25.06 14.97
CA GLN B 158 -27.53 23.78 15.10
C GLN B 158 -26.28 23.89 15.94
N SER B 159 -25.94 22.80 16.63
CA SER B 159 -24.75 22.73 17.45
C SER B 159 -24.21 21.30 17.45
N GLY B 160 -22.91 21.17 17.26
CA GLY B 160 -22.23 19.90 17.43
C GLY B 160 -22.30 18.94 16.26
N ASN B 161 -22.99 19.30 15.17
CA ASN B 161 -23.20 18.39 14.06
C ASN B 161 -22.64 18.95 12.76
N SER B 162 -21.60 19.78 12.83
CA SER B 162 -20.96 20.31 11.65
C SER B 162 -19.45 20.31 11.84
N GLN B 163 -18.72 20.28 10.72
CA GLN B 163 -17.27 20.34 10.72
C GLN B 163 -16.81 21.29 9.62
N GLU B 164 -15.75 22.03 9.91
CA GLU B 164 -15.20 23.03 9.00
C GLU B 164 -13.85 22.59 8.47
N SER B 165 -13.54 23.00 7.24
CA SER B 165 -12.23 22.81 6.66
C SER B 165 -11.85 24.10 5.93
N VAL B 166 -10.58 24.48 6.03
CA VAL B 166 -10.07 25.71 5.42
C VAL B 166 -8.88 25.37 4.55
N THR B 167 -8.83 25.97 3.36
CA THR B 167 -7.65 25.84 2.51
C THR B 167 -6.51 26.67 3.06
N GLU B 168 -5.30 26.38 2.57
CA GLU B 168 -4.19 27.29 2.78
C GLU B 168 -4.37 28.51 1.88
N GLN B 169 -3.65 29.58 2.20
CA GLN B 169 -3.74 30.80 1.39
C GLN B 169 -3.45 30.51 -0.07
N ASP B 170 -4.34 30.99 -0.94
CA ASP B 170 -4.22 30.71 -2.36
C ASP B 170 -2.90 31.28 -2.90
N SER B 171 -2.21 30.49 -3.72
CA SER B 171 -0.91 30.92 -4.22
C SER B 171 -1.02 32.15 -5.12
N LYS B 172 -2.14 32.29 -5.82
CA LYS B 172 -2.32 33.40 -6.76
C LYS B 172 -2.85 34.68 -6.08
N ASP B 173 -3.94 34.59 -5.31
CA ASP B 173 -4.56 35.79 -4.77
C ASP B 173 -4.53 35.91 -3.24
N SER B 174 -3.90 34.97 -2.54
CA SER B 174 -3.68 35.02 -1.08
C SER B 174 -4.98 35.01 -0.28
N THR B 175 -6.09 34.53 -0.84
CA THR B 175 -7.33 34.40 -0.11
C THR B 175 -7.46 33.00 0.49
N TYR B 176 -8.46 32.84 1.37
CA TYR B 176 -8.85 31.56 1.91
C TYR B 176 -10.22 31.15 1.37
N SER B 177 -10.47 29.85 1.42
CA SER B 177 -11.83 29.34 1.24
C SER B 177 -12.12 28.35 2.35
N LEU B 178 -13.41 28.20 2.65
CA LEU B 178 -13.82 27.43 3.80
C LEU B 178 -15.09 26.66 3.46
N SER B 179 -15.15 25.41 3.89
CA SER B 179 -16.36 24.61 3.82
C SER B 179 -16.88 24.33 5.21
N SER B 180 -18.20 24.40 5.38
CA SER B 180 -18.87 23.90 6.57
C SER B 180 -19.82 22.81 6.13
N THR B 181 -19.72 21.64 6.75
CA THR B 181 -20.54 20.50 6.38
C THR B 181 -21.42 20.10 7.55
N LEU B 182 -22.73 20.22 7.36
CA LEU B 182 -23.74 19.78 8.32
C LEU B 182 -24.11 18.33 7.98
N THR B 183 -23.98 17.45 8.98
CA THR B 183 -24.17 16.01 8.77
C THR B 183 -25.35 15.53 9.59
N LEU B 184 -26.35 14.97 8.92
CA LEU B 184 -27.55 14.45 9.57
C LEU B 184 -27.89 13.09 8.97
N SER B 185 -28.60 12.29 9.76
CA SER B 185 -29.18 11.08 9.20
C SER B 185 -30.28 11.43 8.21
N LYS B 186 -30.54 10.52 7.29
CA LYS B 186 -31.64 10.73 6.34
C LYS B 186 -32.96 10.96 7.07
N ALA B 187 -33.16 10.28 8.19
CA ALA B 187 -34.39 10.44 8.96
C ALA B 187 -34.55 11.87 9.47
N ASP B 188 -33.53 12.41 10.14
CA ASP B 188 -33.60 13.78 10.63
C ASP B 188 -33.71 14.78 9.49
N TYR B 189 -32.93 14.59 8.44
CA TYR B 189 -32.92 15.53 7.32
C TYR B 189 -34.30 15.70 6.71
N GLU B 190 -35.02 14.61 6.54
CA GLU B 190 -36.31 14.66 5.86
C GLU B 190 -37.44 15.10 6.78
N LYS B 191 -37.15 15.31 8.07
CA LYS B 191 -38.12 15.87 9.01
C LYS B 191 -38.27 17.38 8.91
N HIS B 192 -37.39 18.06 8.15
CA HIS B 192 -37.36 19.51 8.13
C HIS B 192 -37.30 20.04 6.71
N LYS B 193 -37.66 21.32 6.58
CA LYS B 193 -37.77 21.97 5.28
C LYS B 193 -36.64 22.95 5.00
N VAL B 194 -36.41 23.92 5.88
CA VAL B 194 -35.55 25.07 5.56
C VAL B 194 -34.17 24.82 6.16
N TYR B 195 -33.16 24.79 5.30
CA TYR B 195 -31.77 24.62 5.71
C TYR B 195 -31.02 25.89 5.32
N ALA B 196 -30.36 26.52 6.30
CA ALA B 196 -29.76 27.83 6.11
C ALA B 196 -28.36 27.91 6.70
N CYS B 197 -27.45 28.52 5.94
CA CYS B 197 -26.08 28.77 6.34
C CYS B 197 -25.91 30.29 6.47
N GLU B 198 -25.59 30.75 7.68
CA GLU B 198 -25.42 32.19 7.92
C GLU B 198 -23.95 32.50 8.16
N VAL B 199 -23.41 33.43 7.37
CA VAL B 199 -21.98 33.71 7.31
C VAL B 199 -21.73 35.12 7.81
N THR B 200 -20.83 35.25 8.78
CA THR B 200 -20.35 36.53 9.28
C THR B 200 -18.87 36.68 8.96
N HIS B 201 -18.50 37.86 8.46
CA HIS B 201 -17.12 38.15 8.09
C HIS B 201 -16.96 39.66 8.09
N GLN B 202 -15.75 40.13 8.45
CA GLN B 202 -15.56 41.57 8.63
C GLN B 202 -15.72 42.35 7.35
N GLY B 203 -15.58 41.72 6.19
CA GLY B 203 -15.82 42.38 4.91
C GLY B 203 -17.28 42.50 4.53
N LEU B 204 -18.17 41.81 5.22
CA LEU B 204 -19.60 41.85 4.94
C LEU B 204 -20.25 42.89 5.84
N SER B 205 -21.01 43.81 5.24
CA SER B 205 -21.67 44.82 6.05
C SER B 205 -22.70 44.20 6.98
N SER B 206 -23.30 43.08 6.58
CA SER B 206 -24.22 42.34 7.44
C SER B 206 -24.14 40.88 7.05
N PRO B 207 -24.54 39.97 7.95
CA PRO B 207 -24.36 38.54 7.66
C PRO B 207 -25.14 38.10 6.43
N VAL B 208 -24.52 37.20 5.66
CA VAL B 208 -25.11 36.64 4.45
C VAL B 208 -25.70 35.28 4.78
N THR B 209 -26.94 35.05 4.35
CA THR B 209 -27.62 33.78 4.54
C THR B 209 -27.89 33.14 3.18
N LYS B 210 -27.49 31.89 3.02
CA LYS B 210 -27.86 31.08 1.88
C LYS B 210 -28.69 29.91 2.39
N SER B 211 -29.81 29.62 1.72
CA SER B 211 -30.73 28.62 2.24
C SER B 211 -31.43 27.94 1.08
N PHE B 212 -32.05 26.80 1.38
CA PHE B 212 -32.89 26.11 0.41
C PHE B 212 -34.01 25.41 1.16
N ASN B 213 -35.07 25.08 0.41
CA ASN B 213 -36.14 24.23 0.88
C ASN B 213 -35.90 22.80 0.37
N ARG B 214 -35.93 21.84 1.28
CA ARG B 214 -35.69 20.45 0.93
C ARG B 214 -36.70 20.01 -0.11
N GLY B 215 -36.22 19.50 -1.24
CA GLY B 215 -37.07 18.99 -2.30
C GLY B 215 -37.11 19.85 -3.55
N GLU B 216 -36.77 21.13 -3.46
CA GLU B 216 -36.64 21.94 -4.67
C GLU B 216 -35.22 21.83 -5.23
N LEU C 1 35.76 27.56 23.37
CA LEU C 1 34.80 26.83 24.18
C LEU C 1 34.48 25.48 23.56
N ASP C 2 34.15 24.50 24.40
CA ASP C 2 33.79 23.18 23.90
C ASP C 2 32.59 23.28 22.96
N SER C 3 32.66 22.55 21.86
CA SER C 3 31.49 22.47 21.00
C SER C 3 30.39 21.70 21.71
N PHE C 4 29.16 21.93 21.27
CA PHE C 4 28.04 21.16 21.80
C PHE C 4 28.31 19.66 21.66
N LYS C 5 28.85 19.25 20.50
CA LYS C 5 29.14 17.84 20.27
C LYS C 5 30.17 17.32 21.27
N GLU C 6 31.16 18.14 21.61
CA GLU C 6 32.16 17.71 22.58
C GLU C 6 31.55 17.53 23.97
N GLU C 7 30.56 18.35 24.31
CA GLU C 7 29.86 18.19 25.59
C GLU C 7 28.96 16.95 25.56
N LEU C 8 28.34 16.65 24.42
CA LEU C 8 27.60 15.39 24.29
C LEU C 8 28.52 14.19 24.46
N ASP C 9 29.70 14.24 23.82
CA ASP C 9 30.65 13.15 23.95
C ASP C 9 30.96 12.89 25.41
N LYS C 10 31.17 13.96 26.18
CA LYS C 10 31.43 13.83 27.61
C LYS C 10 30.25 13.21 28.34
N TYR C 11 29.03 13.65 28.01
CA TYR C 11 27.85 13.12 28.69
C TYR C 11 27.71 11.62 28.49
N PHE C 12 27.84 11.16 27.24
CA PHE C 12 27.65 9.75 26.96
C PHE C 12 28.81 8.90 27.44
N LYS C 13 29.99 9.49 27.63
CA LYS C 13 31.08 8.73 28.24
C LYS C 13 30.78 8.42 29.69
N ASN C 14 30.16 9.36 30.41
CA ASN C 14 29.97 9.28 31.85
C ASN C 14 28.58 8.81 32.27
N HIS C 15 27.66 8.61 31.33
CA HIS C 15 26.30 8.24 31.69
C HIS C 15 25.83 7.01 30.92
N GLN D 1 -21.36 -2.40 -10.79
CA GLN D 1 -20.46 -3.51 -11.05
C GLN D 1 -20.87 -4.73 -10.23
N GLU D 2 -21.15 -5.83 -10.93
CA GLU D 2 -21.49 -7.08 -10.26
C GLU D 2 -20.21 -7.69 -9.68
N GLN D 3 -20.16 -7.89 -8.38
CA GLN D 3 -18.92 -8.44 -7.82
C GLN D 3 -19.17 -9.13 -6.48
N LEU D 4 -18.14 -9.85 -6.05
CA LEU D 4 -18.13 -10.65 -4.83
C LEU D 4 -16.84 -10.32 -4.10
N VAL D 5 -16.94 -9.93 -2.84
CA VAL D 5 -15.77 -9.52 -2.06
C VAL D 5 -15.67 -10.43 -0.85
N GLN D 6 -14.50 -11.06 -0.68
CA GLN D 6 -14.29 -12.08 0.33
C GLN D 6 -13.50 -11.53 1.50
N SER D 7 -13.62 -12.22 2.63
CA SER D 7 -12.87 -11.88 3.84
C SER D 7 -11.37 -12.19 3.65
N GLY D 8 -10.58 -11.74 4.62
CA GLY D 8 -9.13 -11.74 4.51
C GLY D 8 -8.48 -13.08 4.81
N ALA D 9 -7.17 -13.12 4.61
CA ALA D 9 -6.39 -14.34 4.76
C ALA D 9 -6.50 -14.89 6.18
N GLU D 10 -6.46 -16.22 6.28
CA GLU D 10 -6.63 -16.91 7.56
C GLU D 10 -5.46 -17.85 7.78
N VAL D 11 -5.07 -18.01 9.04
CA VAL D 11 -4.06 -18.99 9.42
C VAL D 11 -4.62 -19.81 10.57
N LYS D 12 -4.57 -21.13 10.44
CA LYS D 12 -5.27 -22.03 11.35
C LYS D 12 -4.38 -23.22 11.69
N LYS D 13 -4.59 -23.77 12.91
CA LYS D 13 -3.94 -25.01 13.33
C LYS D 13 -4.75 -26.20 12.85
N PRO D 14 -4.11 -27.35 12.63
CA PRO D 14 -4.87 -28.56 12.28
C PRO D 14 -5.89 -28.87 13.37
N GLY D 15 -7.06 -29.36 12.95
CA GLY D 15 -8.16 -29.61 13.85
C GLY D 15 -9.06 -28.43 14.10
N ALA D 16 -8.64 -27.22 13.74
CA ALA D 16 -9.48 -26.04 13.87
C ALA D 16 -10.46 -25.97 12.70
N SER D 17 -11.28 -24.94 12.71
CA SER D 17 -12.23 -24.68 11.65
C SER D 17 -11.99 -23.28 11.12
N VAL D 18 -12.38 -23.05 9.86
CA VAL D 18 -12.27 -21.73 9.25
C VAL D 18 -13.64 -21.38 8.69
N LYS D 19 -14.02 -20.12 8.79
CA LYS D 19 -15.24 -19.62 8.17
C LYS D 19 -14.88 -18.38 7.33
N VAL D 20 -15.12 -18.48 6.03
CA VAL D 20 -14.80 -17.44 5.07
C VAL D 20 -16.12 -16.84 4.59
N SER D 21 -16.13 -15.52 4.40
CA SER D 21 -17.34 -14.83 3.98
C SER D 21 -17.17 -14.26 2.57
N CYS D 22 -18.31 -13.99 1.93
CA CYS D 22 -18.35 -13.55 0.54
C CYS D 22 -19.55 -12.62 0.38
N LYS D 23 -19.30 -11.33 0.27
CA LYS D 23 -20.36 -10.32 0.25
C LYS D 23 -20.58 -9.80 -1.17
N SER D 24 -21.83 -9.83 -1.61
CA SER D 24 -22.18 -9.44 -2.97
C SER D 24 -22.44 -7.95 -3.09
N SER D 25 -22.36 -7.45 -4.32
CA SER D 25 -22.74 -6.08 -4.61
C SER D 25 -23.10 -5.99 -6.08
N GLY D 26 -24.06 -5.11 -6.39
CA GLY D 26 -24.42 -4.84 -7.77
C GLY D 26 -25.29 -5.87 -8.46
N PHE D 27 -25.90 -6.79 -7.73
CA PHE D 27 -26.86 -7.73 -8.31
C PHE D 27 -27.74 -8.28 -7.19
N THR D 28 -28.85 -8.90 -7.59
CA THR D 28 -29.83 -9.42 -6.64
C THR D 28 -29.31 -10.73 -6.07
N PHE D 29 -28.75 -10.65 -4.85
CA PHE D 29 -28.11 -11.80 -4.21
C PHE D 29 -29.02 -13.02 -4.18
N SER D 30 -30.27 -12.85 -3.75
CA SER D 30 -31.15 -13.99 -3.47
C SER D 30 -31.59 -14.72 -4.72
N TYR D 31 -31.27 -14.22 -5.91
CA TYR D 31 -31.73 -14.89 -7.12
C TYR D 31 -30.84 -16.07 -7.49
N PHE D 32 -29.57 -16.07 -7.10
CA PHE D 32 -28.56 -16.92 -7.72
C PHE D 32 -28.14 -18.09 -6.84
N TYR D 33 -27.90 -19.23 -7.48
CA TYR D 33 -27.13 -20.29 -6.87
C TYR D 33 -25.69 -19.82 -6.68
N LEU D 34 -25.05 -20.23 -5.60
CA LEU D 34 -23.69 -19.79 -5.30
C LEU D 34 -22.83 -21.01 -5.00
N HIS D 35 -21.51 -20.83 -5.15
CA HIS D 35 -20.57 -21.93 -5.11
C HIS D 35 -19.33 -21.54 -4.33
N TRP D 36 -18.60 -22.55 -3.87
CA TRP D 36 -17.22 -22.36 -3.44
C TRP D 36 -16.31 -23.30 -4.23
N VAL D 37 -15.13 -22.80 -4.56
CA VAL D 37 -14.11 -23.51 -5.33
C VAL D 37 -12.79 -23.27 -4.64
N ARG D 38 -11.95 -24.30 -4.53
CA ARG D 38 -10.63 -24.04 -3.95
C ARG D 38 -9.52 -24.47 -4.90
N GLN D 39 -8.32 -23.97 -4.60
CA GLN D 39 -7.15 -24.18 -5.44
C GLN D 39 -5.94 -24.29 -4.51
N ALA D 40 -5.44 -25.51 -4.34
CA ALA D 40 -4.23 -25.74 -3.57
C ALA D 40 -3.03 -25.10 -4.28
N PRO D 41 -1.96 -24.79 -3.55
CA PRO D 41 -0.82 -24.10 -4.16
C PRO D 41 -0.28 -24.86 -5.36
N GLY D 42 -0.23 -24.18 -6.50
CA GLY D 42 0.26 -24.76 -7.75
C GLY D 42 -0.67 -25.77 -8.39
N GLN D 43 -1.87 -25.97 -7.86
CA GLN D 43 -2.79 -26.98 -8.34
C GLN D 43 -3.93 -26.37 -9.14
N GLY D 44 -4.85 -27.23 -9.58
CA GLY D 44 -5.98 -26.81 -10.36
C GLY D 44 -7.17 -26.44 -9.49
N LEU D 45 -8.31 -26.28 -10.15
CA LEU D 45 -9.54 -25.83 -9.51
C LEU D 45 -10.35 -27.03 -9.04
N GLU D 46 -10.94 -26.91 -7.86
CA GLU D 46 -11.69 -28.00 -7.24
C GLU D 46 -12.99 -27.46 -6.70
N TRP D 47 -14.10 -27.85 -7.30
CA TRP D 47 -15.40 -27.42 -6.82
C TRP D 47 -15.70 -28.05 -5.47
N MET D 48 -16.24 -27.25 -4.54
CA MET D 48 -16.53 -27.69 -3.19
C MET D 48 -18.00 -27.92 -2.92
N GLY D 49 -18.87 -27.06 -3.44
CA GLY D 49 -20.29 -27.27 -3.21
C GLY D 49 -21.10 -26.09 -3.68
N ILE D 50 -22.42 -26.32 -3.69
CA ILE D 50 -23.40 -25.36 -4.20
C ILE D 50 -24.44 -25.11 -3.11
N ILE D 51 -24.93 -23.88 -3.03
CA ILE D 51 -26.06 -23.56 -2.16
C ILE D 51 -27.16 -22.93 -3.01
N ASN D 52 -28.40 -23.38 -2.80
CA ASN D 52 -29.52 -22.92 -3.61
C ASN D 52 -29.94 -21.50 -3.20
N PRO D 53 -30.73 -20.81 -4.03
CA PRO D 53 -31.00 -19.39 -3.74
C PRO D 53 -31.64 -19.13 -2.38
N ARG D 54 -32.58 -19.97 -1.95
CA ARG D 54 -33.20 -19.70 -0.65
C ARG D 54 -32.31 -20.08 0.52
N GLY D 55 -31.36 -20.99 0.32
CA GLY D 55 -30.42 -21.36 1.37
C GLY D 55 -30.73 -22.64 2.10
N ASP D 56 -31.85 -23.30 1.81
CA ASP D 56 -32.23 -24.52 2.52
C ASP D 56 -31.71 -25.78 1.85
N GLY D 57 -31.06 -25.65 0.69
CA GLY D 57 -30.54 -26.82 0.00
C GLY D 57 -29.09 -26.64 -0.41
N THR D 58 -28.27 -27.64 -0.11
CA THR D 58 -26.87 -27.61 -0.45
C THR D 58 -26.48 -28.97 -1.02
N ARG D 59 -25.41 -28.96 -1.82
CA ARG D 59 -24.82 -30.19 -2.36
C ARG D 59 -23.31 -29.97 -2.40
N TYR D 60 -22.56 -30.86 -1.76
CA TYR D 60 -21.12 -30.73 -1.66
C TYR D 60 -20.44 -31.85 -2.41
N ALA D 61 -19.24 -31.56 -2.90
CA ALA D 61 -18.44 -32.61 -3.51
C ALA D 61 -18.21 -33.72 -2.49
N GLN D 62 -18.09 -34.95 -2.98
CA GLN D 62 -18.00 -36.09 -2.08
C GLN D 62 -16.81 -35.93 -1.12
N LYS D 63 -15.72 -35.31 -1.59
CA LYS D 63 -14.53 -35.11 -0.79
C LYS D 63 -14.84 -34.40 0.52
N PHE D 64 -15.73 -33.40 0.49
CA PHE D 64 -15.90 -32.49 1.61
C PHE D 64 -17.15 -32.79 2.44
N GLN D 65 -17.99 -33.71 1.99
CA GLN D 65 -19.17 -34.06 2.79
C GLN D 65 -18.74 -34.57 4.15
N GLY D 66 -19.42 -34.09 5.19
CA GLY D 66 -19.04 -34.31 6.56
C GLY D 66 -18.23 -33.20 7.20
N ARG D 67 -17.53 -32.39 6.39
CA ARG D 67 -16.61 -31.37 6.91
C ARG D 67 -16.99 -29.94 6.57
N VAL D 68 -17.80 -29.72 5.54
CA VAL D 68 -18.08 -28.38 5.05
C VAL D 68 -19.53 -28.04 5.31
N THR D 69 -19.78 -26.76 5.58
CA THR D 69 -21.13 -26.23 5.73
C THR D 69 -21.20 -24.90 5.00
N MET D 70 -22.18 -24.77 4.10
CA MET D 70 -22.36 -23.57 3.32
C MET D 70 -23.65 -22.90 3.77
N THR D 71 -23.62 -21.59 4.02
CA THR D 71 -24.81 -20.86 4.43
C THR D 71 -24.85 -19.53 3.71
N ARG D 72 -26.02 -18.87 3.75
CA ARG D 72 -26.14 -17.54 3.17
C ARG D 72 -27.09 -16.70 4.02
N ASP D 73 -26.82 -15.39 4.05
CA ASP D 73 -27.59 -14.43 4.82
C ASP D 73 -28.25 -13.48 3.83
N ALA D 74 -29.56 -13.65 3.62
CA ALA D 74 -30.27 -12.86 2.61
C ALA D 74 -30.32 -11.39 2.97
N SER D 75 -30.34 -11.05 4.26
CA SER D 75 -30.49 -9.65 4.65
C SER D 75 -29.22 -8.85 4.41
N THR D 76 -28.05 -9.49 4.48
CA THR D 76 -26.79 -8.81 4.20
C THR D 76 -26.20 -9.15 2.84
N GLY D 77 -26.78 -10.10 2.12
CA GLY D 77 -26.20 -10.53 0.87
C GLY D 77 -24.81 -11.14 1.02
N THR D 78 -24.65 -12.00 2.02
CA THR D 78 -23.35 -12.60 2.36
C THR D 78 -23.44 -14.11 2.29
N LEU D 79 -22.47 -14.73 1.62
CA LEU D 79 -22.29 -16.17 1.56
C LEU D 79 -21.15 -16.58 2.48
N TYR D 80 -21.30 -17.75 3.11
CA TYR D 80 -20.32 -18.28 4.04
C TYR D 80 -19.96 -19.71 3.68
N MET D 81 -18.69 -20.05 3.91
CA MET D 81 -18.26 -21.44 3.88
C MET D 81 -17.52 -21.71 5.17
N GLU D 82 -17.93 -22.75 5.88
CA GLU D 82 -17.20 -23.22 7.05
C GLU D 82 -16.60 -24.58 6.72
N LEU D 83 -15.29 -24.70 6.90
CA LEU D 83 -14.59 -25.96 6.75
C LEU D 83 -14.00 -26.34 8.10
N ARG D 84 -14.30 -27.56 8.54
CA ARG D 84 -13.99 -28.04 9.88
C ARG D 84 -12.89 -29.09 9.82
N SER D 85 -12.30 -29.39 10.98
CA SER D 85 -11.29 -30.43 11.12
C SER D 85 -10.16 -30.23 10.12
N LEU D 86 -9.62 -29.01 10.12
CA LEU D 86 -8.66 -28.64 9.09
C LEU D 86 -7.39 -29.49 9.19
N ARG D 87 -6.80 -29.76 8.03
CA ARG D 87 -5.51 -30.44 7.91
C ARG D 87 -4.63 -29.63 6.97
N SER D 88 -3.33 -29.91 7.00
CA SER D 88 -2.41 -29.06 6.24
C SER D 88 -2.71 -29.06 4.74
N GLU D 89 -3.25 -30.17 4.21
CA GLU D 89 -3.58 -30.20 2.79
C GLU D 89 -4.89 -29.46 2.46
N ASP D 90 -5.52 -28.84 3.46
CA ASP D 90 -6.57 -27.85 3.22
C ASP D 90 -6.00 -26.46 2.95
N THR D 91 -4.68 -26.29 3.01
CA THR D 91 -4.05 -25.03 2.64
C THR D 91 -4.33 -24.74 1.17
N ALA D 92 -4.98 -23.61 0.91
CA ALA D 92 -5.40 -23.29 -0.45
C ALA D 92 -5.99 -21.88 -0.48
N VAL D 93 -6.23 -21.39 -1.69
CA VAL D 93 -7.06 -20.21 -1.90
C VAL D 93 -8.48 -20.67 -2.12
N TYR D 94 -9.42 -20.09 -1.39
CA TYR D 94 -10.83 -20.43 -1.50
C TYR D 94 -11.56 -19.31 -2.23
N TYR D 95 -12.30 -19.66 -3.29
CA TYR D 95 -13.06 -18.71 -4.10
C TYR D 95 -14.55 -18.96 -3.96
N CYS D 96 -15.32 -17.89 -3.82
CA CYS D 96 -16.75 -17.97 -4.00
C CYS D 96 -17.06 -17.57 -5.45
N ALA D 97 -18.17 -18.08 -5.96
CA ALA D 97 -18.54 -17.80 -7.34
C ALA D 97 -20.05 -17.87 -7.47
N ARG D 98 -20.58 -17.06 -8.39
CA ARG D 98 -22.00 -17.07 -8.70
C ARG D 98 -22.25 -17.97 -9.88
N GLY D 99 -23.28 -18.85 -9.76
CA GLY D 99 -23.71 -19.65 -10.88
C GLY D 99 -24.69 -18.85 -11.71
N ALA D 100 -24.43 -18.77 -13.02
CA ALA D 100 -25.38 -18.12 -13.89
C ALA D 100 -26.54 -19.06 -14.20
N ASP D 101 -27.57 -18.54 -14.88
CA ASP D 101 -28.69 -19.41 -15.24
C ASP D 101 -28.25 -20.56 -16.13
N HIS D 102 -27.21 -20.37 -16.94
CA HIS D 102 -26.71 -21.44 -17.79
C HIS D 102 -25.85 -22.43 -17.04
N GLY D 103 -25.49 -22.16 -15.78
CA GLY D 103 -24.80 -23.09 -14.92
C GLY D 103 -23.34 -22.78 -14.69
N ALA D 104 -22.69 -22.09 -15.63
CA ALA D 104 -21.27 -21.78 -15.44
C ALA D 104 -21.11 -20.64 -14.43
N PHE D 105 -19.87 -20.44 -13.99
CA PHE D 105 -19.56 -19.51 -12.90
C PHE D 105 -19.13 -18.18 -13.51
N ASP D 106 -20.04 -17.19 -13.51
CA ASP D 106 -19.78 -15.96 -14.25
C ASP D 106 -19.18 -14.84 -13.43
N ILE D 107 -19.30 -14.85 -12.11
CA ILE D 107 -18.69 -13.85 -11.24
C ILE D 107 -17.92 -14.58 -10.14
N TRP D 108 -16.68 -14.16 -9.89
CA TRP D 108 -15.82 -14.79 -8.90
C TRP D 108 -15.35 -13.79 -7.86
N GLY D 109 -15.28 -14.24 -6.61
CA GLY D 109 -14.61 -13.46 -5.58
C GLY D 109 -13.11 -13.40 -5.84
N GLN D 110 -12.43 -12.56 -5.06
CA GLN D 110 -11.00 -12.36 -5.27
C GLN D 110 -10.17 -13.46 -4.66
N GLY D 111 -10.77 -14.34 -3.87
CA GLY D 111 -10.05 -15.43 -3.26
C GLY D 111 -9.63 -15.10 -1.84
N THR D 112 -9.62 -16.13 -1.00
CA THR D 112 -9.17 -16.03 0.39
C THR D 112 -8.12 -17.10 0.61
N MET D 113 -6.91 -16.68 0.99
CA MET D 113 -5.85 -17.62 1.30
C MET D 113 -6.06 -18.19 2.70
N VAL D 114 -6.06 -19.51 2.82
CA VAL D 114 -6.11 -20.19 4.11
C VAL D 114 -4.88 -21.07 4.24
N THR D 115 -4.12 -20.84 5.31
CA THR D 115 -2.95 -21.66 5.65
C THR D 115 -3.30 -22.51 6.87
N VAL D 116 -3.07 -23.82 6.77
CA VAL D 116 -3.27 -24.75 7.88
C VAL D 116 -1.92 -25.35 8.23
N SER D 117 -1.46 -25.12 9.47
CA SER D 117 -0.14 -25.59 9.87
C SER D 117 -0.07 -25.65 11.39
N SER D 118 0.73 -26.58 11.92
CA SER D 118 0.74 -26.89 13.36
C SER D 118 1.14 -25.72 14.26
N ALA D 119 2.90 -24.64 12.35
CA ALA D 119 3.90 -23.68 12.77
C ALA D 119 3.27 -22.49 13.48
N SER D 120 4.09 -21.71 14.17
CA SER D 120 3.70 -20.46 14.79
C SER D 120 4.32 -19.28 14.03
N THR D 121 3.69 -18.12 14.18
CA THR D 121 4.18 -16.91 13.50
C THR D 121 5.64 -16.66 13.86
N LYS D 122 6.47 -16.44 12.83
CA LYS D 122 7.90 -16.25 13.06
C LYS D 122 8.49 -15.45 11.91
N GLY D 123 9.25 -14.41 12.25
CA GLY D 123 9.94 -13.61 11.26
C GLY D 123 11.15 -14.31 10.66
N PRO D 124 11.58 -13.86 9.49
CA PRO D 124 12.69 -14.52 8.80
C PRO D 124 14.06 -14.13 9.35
N SER D 125 15.00 -15.04 9.15
CA SER D 125 16.43 -14.73 9.20
C SER D 125 16.89 -14.42 7.79
N VAL D 126 17.72 -13.39 7.64
CA VAL D 126 18.16 -12.94 6.31
C VAL D 126 19.67 -13.07 6.22
N PHE D 127 20.15 -13.85 5.24
CA PHE D 127 21.57 -14.08 5.04
C PHE D 127 22.02 -13.61 3.66
N PRO D 128 23.22 -13.06 3.54
CA PRO D 128 23.70 -12.61 2.23
C PRO D 128 24.04 -13.76 1.30
N LEU D 129 23.79 -13.53 0.02
CA LEU D 129 24.31 -14.34 -1.07
C LEU D 129 25.35 -13.45 -1.75
N ALA D 130 26.59 -13.50 -1.23
CA ALA D 130 27.59 -12.49 -1.60
C ALA D 130 28.17 -12.79 -2.98
N PRO D 131 28.36 -11.76 -3.81
CA PRO D 131 28.99 -11.99 -5.12
C PRO D 131 30.45 -12.32 -4.96
N SER D 132 30.92 -13.25 -5.79
CA SER D 132 32.32 -13.67 -5.80
C SER D 132 32.67 -14.05 -7.23
N SER D 133 33.89 -14.55 -7.43
CA SER D 133 34.23 -15.02 -8.77
C SER D 133 33.34 -16.18 -9.18
N LYS D 134 32.80 -16.93 -8.22
CA LYS D 134 31.90 -18.04 -8.50
C LYS D 134 30.50 -17.58 -8.90
N SER D 135 30.22 -16.29 -8.82
CA SER D 135 28.94 -15.73 -9.23
C SER D 135 29.15 -14.52 -10.14
N THR D 136 30.17 -14.56 -10.99
CA THR D 136 30.42 -13.54 -11.99
C THR D 136 30.62 -14.18 -13.36
N SER D 137 30.00 -13.61 -14.38
CA SER D 137 30.22 -14.03 -15.75
C SER D 137 30.00 -12.87 -16.70
N GLY D 138 30.89 -12.73 -17.67
CA GLY D 138 30.70 -11.77 -18.75
C GLY D 138 30.57 -10.33 -18.29
N GLY D 139 31.28 -9.95 -17.24
CA GLY D 139 31.12 -8.61 -16.68
C GLY D 139 29.86 -8.41 -15.88
N THR D 140 29.09 -9.47 -15.63
CA THR D 140 27.87 -9.42 -14.84
C THR D 140 28.05 -10.26 -13.58
N ALA D 141 27.63 -9.73 -12.44
CA ALA D 141 27.71 -10.41 -11.16
C ALA D 141 26.32 -10.65 -10.60
N ALA D 142 26.13 -11.80 -9.95
CA ALA D 142 24.89 -12.12 -9.26
C ALA D 142 25.11 -12.02 -7.76
N LEU D 143 24.13 -11.47 -7.07
CA LEU D 143 24.16 -11.39 -5.61
C LEU D 143 22.73 -11.55 -5.13
N GLY D 144 22.56 -11.77 -3.83
CA GLY D 144 21.20 -11.96 -3.36
C GLY D 144 21.10 -11.95 -1.85
N CYS D 145 19.92 -12.31 -1.38
CA CYS D 145 19.60 -12.50 0.03
C CYS D 145 18.80 -13.77 0.20
N LEU D 146 19.18 -14.58 1.18
CA LEU D 146 18.44 -15.77 1.53
C LEU D 146 17.53 -15.40 2.70
N VAL D 147 16.22 -15.56 2.49
CA VAL D 147 15.19 -15.18 3.45
C VAL D 147 14.63 -16.49 4.00
N LYS D 148 15.10 -16.90 5.18
CA LYS D 148 14.89 -18.27 5.64
C LYS D 148 14.06 -18.32 6.92
N ASP D 149 13.24 -19.38 7.01
CA ASP D 149 12.57 -19.81 8.23
C ASP D 149 11.56 -18.81 8.77
N TYR D 150 10.56 -18.47 7.96
CA TYR D 150 9.50 -17.57 8.39
C TYR D 150 8.15 -18.26 8.18
N PHE D 151 7.14 -17.75 8.90
CA PHE D 151 5.78 -18.28 8.81
C PHE D 151 4.81 -17.25 9.35
N PRO D 152 3.64 -17.05 8.73
CA PRO D 152 3.24 -17.65 7.46
C PRO D 152 3.76 -16.84 6.27
N GLU D 153 3.36 -17.23 5.06
CA GLU D 153 3.52 -16.35 3.91
C GLU D 153 2.63 -15.12 4.10
N PRO D 154 2.97 -14.00 3.44
CA PRO D 154 4.11 -13.77 2.55
C PRO D 154 5.19 -12.88 3.15
N VAL D 155 6.33 -12.80 2.47
CA VAL D 155 7.34 -11.79 2.74
C VAL D 155 7.46 -10.93 1.49
N THR D 156 7.93 -9.71 1.70
CA THR D 156 8.24 -8.76 0.65
C THR D 156 9.74 -8.49 0.68
N VAL D 157 10.36 -8.47 -0.50
CA VAL D 157 11.77 -8.10 -0.62
C VAL D 157 11.89 -6.98 -1.65
N SER D 158 12.65 -5.95 -1.29
CA SER D 158 13.06 -4.92 -2.23
C SER D 158 14.57 -4.77 -2.13
N TRP D 159 15.16 -4.11 -3.12
CA TRP D 159 16.59 -3.85 -3.14
C TRP D 159 16.83 -2.35 -3.15
N ASN D 160 17.73 -1.90 -2.28
CA ASN D 160 18.11 -0.49 -2.19
C ASN D 160 16.88 0.39 -2.02
N SER D 161 15.99 -0.04 -1.13
CA SER D 161 14.76 0.70 -0.80
C SER D 161 13.90 0.97 -2.03
N GLY D 162 13.91 0.04 -2.98
CA GLY D 162 13.10 0.15 -4.19
C GLY D 162 13.79 0.81 -5.37
N ALA D 163 15.00 1.34 -5.20
CA ALA D 163 15.68 1.97 -6.32
C ALA D 163 16.27 0.96 -7.30
N LEU D 164 16.36 -0.31 -6.92
CA LEU D 164 16.95 -1.34 -7.77
C LEU D 164 15.87 -2.36 -8.08
N THR D 165 15.42 -2.40 -9.35
CA THR D 165 14.35 -3.30 -9.75
C THR D 165 14.79 -4.14 -10.95
N SER D 166 15.64 -3.57 -11.80
CA SER D 166 16.08 -4.24 -13.01
C SER D 166 16.95 -5.44 -12.66
N GLY D 167 16.64 -6.59 -13.28
CA GLY D 167 17.42 -7.79 -13.06
C GLY D 167 17.15 -8.52 -11.75
N VAL D 168 16.16 -8.08 -10.97
CA VAL D 168 15.82 -8.73 -9.71
C VAL D 168 14.91 -9.92 -9.98
N HIS D 169 15.23 -11.06 -9.38
CA HIS D 169 14.34 -12.23 -9.38
C HIS D 169 14.11 -12.64 -7.93
N THR D 170 12.90 -12.44 -7.42
CA THR D 170 12.53 -12.92 -6.10
C THR D 170 11.75 -14.20 -6.29
N PHE D 171 12.32 -15.30 -5.82
CA PHE D 171 11.75 -16.61 -6.11
C PHE D 171 10.51 -16.87 -5.25
N PRO D 172 9.58 -17.69 -5.75
CA PRO D 172 8.48 -18.13 -4.91
C PRO D 172 9.00 -18.87 -3.70
N ALA D 173 8.30 -18.73 -2.58
CA ALA D 173 8.71 -19.41 -1.37
C ALA D 173 8.54 -20.92 -1.53
N VAL D 174 9.37 -21.67 -0.82
CA VAL D 174 9.24 -23.11 -0.71
C VAL D 174 8.99 -23.47 0.75
N LEU D 175 8.08 -24.42 0.98
CA LEU D 175 7.79 -24.90 2.32
C LEU D 175 8.80 -25.99 2.70
N GLN D 176 9.50 -25.79 3.80
CA GLN D 176 10.51 -26.72 4.27
C GLN D 176 9.87 -27.80 5.15
N SER D 177 10.62 -28.87 5.40
CA SER D 177 10.11 -29.96 6.24
C SER D 177 9.85 -29.49 7.66
N SER D 178 10.52 -28.42 8.10
CA SER D 178 10.28 -27.84 9.42
C SER D 178 8.93 -27.16 9.52
N GLY D 179 8.24 -26.95 8.40
CA GLY D 179 7.03 -26.18 8.40
C GLY D 179 7.23 -24.70 8.19
N LEU D 180 8.47 -24.24 8.06
CA LEU D 180 8.78 -22.84 7.80
C LEU D 180 9.08 -22.63 6.32
N TYR D 181 8.78 -21.43 5.83
CA TYR D 181 9.02 -21.09 4.44
C TYR D 181 10.42 -20.52 4.26
N SER D 182 10.90 -20.56 3.02
CA SER D 182 12.17 -19.97 2.69
C SER D 182 12.18 -19.56 1.22
N LEU D 183 12.85 -18.44 0.94
CA LEU D 183 13.04 -18.02 -0.45
C LEU D 183 14.36 -17.28 -0.55
N SER D 184 14.82 -17.11 -1.78
CA SER D 184 15.93 -16.23 -2.09
C SER D 184 15.47 -15.14 -3.06
N SER D 185 16.10 -13.97 -2.94
CA SER D 185 15.93 -12.90 -3.91
C SER D 185 17.31 -12.57 -4.45
N VAL D 186 17.44 -12.57 -5.78
CA VAL D 186 18.72 -12.33 -6.42
C VAL D 186 18.60 -11.17 -7.40
N VAL D 187 19.74 -10.64 -7.78
CA VAL D 187 19.82 -9.58 -8.78
C VAL D 187 21.15 -9.74 -9.50
N THR D 188 21.15 -9.49 -10.80
CA THR D 188 22.40 -9.41 -11.54
C THR D 188 22.72 -7.94 -11.80
N VAL D 189 24.00 -7.60 -11.63
CA VAL D 189 24.46 -6.22 -11.76
C VAL D 189 25.77 -6.21 -12.51
N PRO D 190 26.18 -5.07 -13.05
CA PRO D 190 27.53 -4.98 -13.63
C PRO D 190 28.57 -5.27 -12.56
N SER D 191 29.53 -6.14 -12.90
CA SER D 191 30.60 -6.45 -11.95
C SER D 191 31.41 -5.21 -11.62
N SER D 192 31.50 -4.26 -12.55
CA SER D 192 32.23 -3.04 -12.27
C SER D 192 31.59 -2.21 -11.17
N SER D 193 30.31 -2.44 -10.88
CA SER D 193 29.62 -1.69 -9.84
C SER D 193 29.92 -2.21 -8.43
N LEU D 194 30.48 -3.42 -8.31
CA LEU D 194 30.58 -4.06 -7.01
C LEU D 194 31.41 -3.26 -6.02
N GLY D 195 32.43 -2.54 -6.51
CA GLY D 195 33.24 -1.75 -5.60
C GLY D 195 32.58 -0.46 -5.16
N THR D 196 31.79 0.14 -6.05
CA THR D 196 31.24 1.49 -5.83
C THR D 196 29.78 1.55 -5.35
N GLN D 197 28.95 0.61 -5.77
CA GLN D 197 27.51 0.65 -5.41
C GLN D 197 27.23 -0.29 -4.25
N THR D 198 26.54 0.21 -3.24
CA THR D 198 26.15 -0.63 -2.10
C THR D 198 24.82 -1.32 -2.43
N TYR D 199 24.74 -2.60 -2.12
CA TYR D 199 23.52 -3.39 -2.35
C TYR D 199 22.97 -3.85 -1.01
N ILE D 200 21.71 -3.50 -0.73
CA ILE D 200 21.02 -3.84 0.50
C ILE D 200 19.67 -4.45 0.13
N CYS D 201 19.36 -5.61 0.68
CA CYS D 201 18.02 -6.14 0.52
C CYS D 201 17.17 -5.72 1.72
N ASN D 202 15.93 -5.32 1.44
CA ASN D 202 14.98 -4.88 2.46
C ASN D 202 13.85 -5.90 2.52
N VAL D 203 13.74 -6.59 3.64
CA VAL D 203 12.79 -7.69 3.82
C VAL D 203 11.73 -7.26 4.83
N ASN D 204 10.46 -7.40 4.43
CA ASN D 204 9.33 -7.05 5.27
C ASN D 204 8.43 -8.28 5.39
N HIS D 205 8.29 -8.79 6.61
CA HIS D 205 7.38 -9.90 6.90
C HIS D 205 6.22 -9.33 7.73
N LYS D 206 5.19 -8.86 7.03
CA LYS D 206 4.07 -8.22 7.72
C LYS D 206 3.38 -9.09 8.77
N PRO D 207 3.17 -10.40 8.56
CA PRO D 207 2.48 -11.18 9.61
C PRO D 207 3.16 -11.15 10.97
N SER D 208 4.48 -11.02 11.03
CA SER D 208 5.17 -10.88 12.30
C SER D 208 5.63 -9.46 12.57
N ASN D 209 5.30 -8.51 11.69
CA ASN D 209 5.78 -7.14 11.79
C ASN D 209 7.30 -7.09 11.92
N THR D 210 7.99 -7.89 11.11
CA THR D 210 9.45 -7.99 11.15
C THR D 210 10.04 -7.31 9.92
N LYS D 211 11.00 -6.42 10.16
CA LYS D 211 11.75 -5.75 9.10
C LYS D 211 13.23 -6.04 9.29
N VAL D 212 13.90 -6.38 8.20
CA VAL D 212 15.34 -6.65 8.19
C VAL D 212 15.95 -5.97 6.97
N ASP D 213 17.00 -5.19 7.17
CA ASP D 213 17.84 -4.68 6.09
C ASP D 213 19.21 -5.33 6.19
N LYS D 214 19.68 -5.90 5.07
CA LYS D 214 20.97 -6.63 5.08
C LYS D 214 21.86 -6.15 3.93
N LYS D 215 23.03 -5.62 4.27
CA LYS D 215 23.99 -5.25 3.22
C LYS D 215 24.62 -6.53 2.67
N VAL D 216 24.79 -6.59 1.34
CA VAL D 216 25.41 -7.77 0.69
C VAL D 216 26.79 -7.31 0.22
N GLU D 217 27.80 -7.74 0.94
CA GLU D 217 29.17 -7.32 0.74
C GLU D 217 29.86 -8.22 -0.28
N PRO D 218 30.49 -7.66 -1.32
CA PRO D 218 31.24 -8.49 -2.27
C PRO D 218 32.42 -9.20 -1.63
N LYS D 219 32.67 -10.43 -2.07
CA LYS D 219 33.89 -11.13 -1.74
C LYS D 219 35.02 -10.67 -2.65
N SER D 220 36.24 -10.68 -2.10
CA SER D 220 37.44 -10.49 -2.91
C SER D 220 37.95 -11.80 -3.48
N CYS D 221 37.04 -12.76 -3.64
CA CYS D 221 37.34 -14.20 -3.71
C CYS D 221 38.03 -14.67 -2.45
N GLU E 1 -16.75 -41.31 -11.92
CA GLU E 1 -17.31 -40.07 -12.44
C GLU E 1 -16.55 -39.60 -13.68
N ILE E 2 -17.05 -38.51 -14.28
CA ILE E 2 -16.40 -37.96 -15.48
C ILE E 2 -15.04 -37.38 -15.09
N VAL E 3 -14.05 -37.62 -15.94
CA VAL E 3 -12.73 -37.00 -15.83
C VAL E 3 -12.49 -36.18 -17.10
N LEU E 4 -12.02 -34.96 -16.93
CA LEU E 4 -11.70 -34.08 -18.04
C LEU E 4 -10.19 -34.02 -18.21
N THR E 5 -9.71 -34.38 -19.39
CA THR E 5 -8.29 -34.40 -19.69
C THR E 5 -7.98 -33.32 -20.72
N GLN E 6 -7.18 -32.33 -20.31
CA GLN E 6 -6.78 -31.25 -21.20
C GLN E 6 -5.44 -31.55 -21.86
N SER E 7 -5.31 -31.11 -23.11
CA SER E 7 -4.05 -31.21 -23.82
C SER E 7 -3.85 -29.95 -24.67
N PRO E 8 -2.59 -29.52 -24.85
CA PRO E 8 -1.43 -30.09 -24.15
C PRO E 8 -1.32 -29.55 -22.73
N GLY E 9 -0.44 -30.13 -21.91
CA GLY E 9 -0.22 -29.58 -20.59
C GLY E 9 0.33 -28.17 -20.64
N THR E 10 1.28 -27.93 -21.54
CA THR E 10 1.83 -26.60 -21.77
C THR E 10 1.84 -26.35 -23.27
N LEU E 11 1.29 -25.20 -23.66
CA LEU E 11 1.25 -24.76 -25.06
C LEU E 11 2.14 -23.53 -25.18
N SER E 12 3.17 -23.62 -26.01
CA SER E 12 4.13 -22.54 -26.19
C SER E 12 3.94 -21.92 -27.56
N LEU E 13 3.55 -20.65 -27.59
CA LEU E 13 3.18 -19.98 -28.82
C LEU E 13 3.60 -18.52 -28.74
N SER E 14 3.61 -17.85 -29.88
CA SER E 14 4.05 -16.47 -29.93
C SER E 14 2.88 -15.52 -30.12
N PRO E 15 3.00 -14.27 -29.68
CA PRO E 15 1.94 -13.29 -29.93
C PRO E 15 1.63 -13.20 -31.42
N GLY E 16 0.33 -13.13 -31.74
CA GLY E 16 -0.11 -13.15 -33.11
C GLY E 16 -0.47 -14.51 -33.67
N GLU E 17 -0.08 -15.60 -33.00
CA GLU E 17 -0.37 -16.94 -33.51
C GLU E 17 -1.70 -17.44 -32.98
N ARG E 18 -2.18 -18.50 -33.62
CA ARG E 18 -3.47 -19.09 -33.28
C ARG E 18 -3.24 -20.19 -32.24
N ALA E 19 -4.04 -20.20 -31.18
CA ALA E 19 -3.93 -21.19 -30.13
C ALA E 19 -5.14 -22.13 -30.17
N THR E 20 -4.87 -23.43 -30.07
CA THR E 20 -5.91 -24.46 -30.03
C THR E 20 -5.69 -25.31 -28.78
N LEU E 21 -6.63 -25.24 -27.85
CA LEU E 21 -6.59 -25.99 -26.61
C LEU E 21 -7.72 -27.01 -26.63
N SER E 22 -7.42 -28.24 -26.19
CA SER E 22 -8.36 -29.34 -26.27
C SER E 22 -8.71 -29.88 -24.89
N CYS E 23 -9.94 -30.37 -24.76
CA CYS E 23 -10.42 -31.04 -23.57
C CYS E 23 -11.17 -32.28 -24.04
N ARG E 24 -10.88 -33.43 -23.43
CA ARG E 24 -11.56 -34.68 -23.73
C ARG E 24 -12.25 -35.17 -22.46
N ALA E 25 -13.56 -35.44 -22.55
CA ALA E 25 -14.29 -36.00 -21.43
C ALA E 25 -14.28 -37.52 -21.52
N SER E 26 -14.23 -38.17 -20.37
CA SER E 26 -14.19 -39.63 -20.35
C SER E 26 -15.49 -40.24 -20.88
N GLN E 27 -16.60 -39.54 -20.74
CA GLN E 27 -17.88 -39.96 -21.33
C GLN E 27 -18.61 -38.72 -21.84
N SER E 28 -19.69 -38.96 -22.58
CA SER E 28 -20.39 -37.87 -23.25
C SER E 28 -20.87 -36.82 -22.26
N VAL E 29 -20.72 -35.55 -22.63
CA VAL E 29 -21.15 -34.44 -21.78
C VAL E 29 -22.62 -34.17 -22.05
N ARG E 30 -23.46 -34.35 -21.04
CA ARG E 30 -24.89 -34.11 -21.21
C ARG E 30 -25.18 -32.65 -21.51
N ARG E 31 -25.98 -32.41 -22.55
CA ARG E 31 -26.51 -31.08 -22.91
C ARG E 31 -25.43 -30.04 -23.20
N ASN E 32 -24.20 -30.46 -23.47
CA ASN E 32 -23.09 -29.51 -23.69
C ASN E 32 -22.98 -28.51 -22.54
N TYR E 33 -23.20 -29.01 -21.32
CA TYR E 33 -22.94 -28.25 -20.10
C TYR E 33 -21.43 -28.21 -19.90
N PHE E 34 -20.79 -27.28 -20.60
CA PHE E 34 -19.34 -27.26 -20.73
C PHE E 34 -18.87 -25.82 -20.82
N ALA E 35 -17.80 -25.49 -20.10
CA ALA E 35 -17.32 -24.11 -20.04
C ALA E 35 -15.81 -24.07 -20.05
N TRP E 36 -15.28 -22.92 -20.45
CA TRP E 36 -13.85 -22.63 -20.42
C TRP E 36 -13.59 -21.40 -19.55
N TYR E 37 -12.48 -21.44 -18.81
CA TYR E 37 -12.06 -20.33 -17.96
C TYR E 37 -10.61 -19.97 -18.22
N GLN E 38 -10.29 -18.69 -18.07
CA GLN E 38 -8.93 -18.18 -18.05
C GLN E 38 -8.56 -17.81 -16.61
N GLN E 39 -7.33 -18.12 -16.21
CA GLN E 39 -6.83 -17.69 -14.91
C GLN E 39 -5.42 -17.17 -15.05
N LYS E 40 -5.26 -15.86 -14.84
CA LYS E 40 -3.95 -15.23 -14.83
C LYS E 40 -3.31 -15.37 -13.45
N ARG E 41 -1.98 -15.19 -13.41
CA ARG E 41 -1.23 -15.39 -12.19
C ARG E 41 -1.75 -14.51 -11.07
N GLY E 42 -2.04 -15.13 -9.93
CA GLY E 42 -2.53 -14.43 -8.76
C GLY E 42 -3.95 -13.90 -8.85
N GLN E 43 -4.71 -14.27 -9.88
CA GLN E 43 -6.05 -13.75 -10.07
C GLN E 43 -7.08 -14.89 -9.99
N ALA E 44 -8.33 -14.50 -9.78
CA ALA E 44 -9.43 -15.45 -9.87
C ALA E 44 -9.67 -15.87 -11.31
N PRO E 45 -10.25 -17.05 -11.53
CA PRO E 45 -10.64 -17.44 -12.89
C PRO E 45 -11.69 -16.50 -13.47
N ARG E 46 -11.74 -16.48 -14.81
CA ARG E 46 -12.64 -15.64 -15.58
C ARG E 46 -13.37 -16.51 -16.59
N LEU E 47 -14.71 -16.45 -16.61
CA LEU E 47 -15.48 -17.25 -17.55
C LEU E 47 -15.30 -16.74 -18.97
N LEU E 48 -14.96 -17.63 -19.89
CA LEU E 48 -14.78 -17.29 -21.30
C LEU E 48 -15.91 -17.77 -22.19
N ILE E 49 -16.24 -19.05 -22.09
CA ILE E 49 -17.19 -19.74 -22.96
C ILE E 49 -18.11 -20.57 -22.07
N TYR E 50 -19.40 -20.59 -22.39
CA TYR E 50 -20.32 -21.53 -21.77
C TYR E 50 -21.16 -22.19 -22.85
N ASP E 51 -21.86 -23.26 -22.47
CA ASP E 51 -22.66 -24.05 -23.42
C ASP E 51 -21.80 -24.53 -24.59
N ALA E 52 -20.52 -24.74 -24.30
CA ALA E 52 -19.45 -25.24 -25.17
C ALA E 52 -19.04 -24.28 -26.28
N SER E 53 -19.91 -23.37 -26.68
CA SER E 53 -19.59 -22.50 -27.83
C SER E 53 -20.10 -21.08 -27.70
N THR E 54 -20.71 -20.70 -26.58
CA THR E 54 -21.26 -19.36 -26.42
C THR E 54 -20.26 -18.49 -25.66
N ARG E 55 -19.85 -17.39 -26.28
CA ARG E 55 -18.89 -16.49 -25.66
C ARG E 55 -19.57 -15.66 -24.59
N ALA E 56 -18.95 -15.57 -23.42
CA ALA E 56 -19.50 -14.79 -22.33
C ALA E 56 -19.45 -13.30 -22.68
N THR E 57 -20.38 -12.54 -22.12
CA THR E 57 -20.45 -11.11 -22.41
C THR E 57 -19.16 -10.43 -21.98
N GLY E 58 -18.64 -9.56 -22.84
CA GLY E 58 -17.42 -8.83 -22.55
C GLY E 58 -16.14 -9.55 -22.92
N ILE E 59 -16.22 -10.82 -23.32
CA ILE E 59 -15.03 -11.57 -23.71
C ILE E 59 -14.66 -11.18 -25.13
N PRO E 60 -13.37 -10.96 -25.43
CA PRO E 60 -12.98 -10.56 -26.78
C PRO E 60 -13.37 -11.58 -27.84
N ASP E 61 -13.61 -11.05 -29.05
CA ASP E 61 -13.99 -11.83 -30.22
C ASP E 61 -13.02 -12.96 -30.54
N ARG E 62 -11.74 -12.79 -30.21
CA ARG E 62 -10.75 -13.78 -30.60
C ARG E 62 -10.88 -15.10 -29.84
N PHE E 63 -11.70 -15.15 -28.78
CA PHE E 63 -11.98 -16.39 -28.06
C PHE E 63 -13.22 -17.05 -28.66
N SER E 64 -13.12 -18.35 -28.93
CA SER E 64 -14.29 -19.11 -29.36
C SER E 64 -14.13 -20.56 -28.91
N GLY E 65 -15.27 -21.25 -28.81
CA GLY E 65 -15.25 -22.65 -28.44
C GLY E 65 -16.15 -23.47 -29.36
N SER E 66 -15.83 -24.77 -29.42
CA SER E 66 -16.68 -25.67 -30.17
C SER E 66 -16.51 -27.07 -29.61
N GLY E 67 -17.46 -27.94 -29.95
CA GLY E 67 -17.41 -29.35 -29.61
C GLY E 67 -18.72 -29.84 -29.06
N SER E 68 -18.77 -31.15 -28.83
CA SER E 68 -19.95 -31.85 -28.33
C SER E 68 -19.53 -33.29 -28.02
N GLY E 69 -20.39 -34.00 -27.33
CA GLY E 69 -20.06 -35.36 -26.94
C GLY E 69 -18.90 -35.42 -25.98
N THR E 70 -17.73 -35.86 -26.42
CA THR E 70 -16.57 -35.97 -25.56
C THR E 70 -15.40 -35.05 -25.95
N ASP E 71 -15.49 -34.34 -27.07
CA ASP E 71 -14.35 -33.57 -27.57
C ASP E 71 -14.71 -32.10 -27.68
N PHE E 72 -13.91 -31.25 -27.03
CA PHE E 72 -14.18 -29.82 -26.96
C PHE E 72 -12.88 -29.07 -27.20
N THR E 73 -12.98 -27.90 -27.84
CA THR E 73 -11.84 -27.07 -28.18
C THR E 73 -12.08 -25.60 -27.84
N LEU E 74 -11.06 -24.96 -27.26
CA LEU E 74 -11.00 -23.51 -27.12
C LEU E 74 -9.97 -23.00 -28.11
N THR E 75 -10.35 -22.00 -28.90
CA THR E 75 -9.46 -21.38 -29.87
C THR E 75 -9.30 -19.90 -29.56
N ILE E 76 -8.06 -19.44 -29.63
CA ILE E 76 -7.73 -18.01 -29.62
C ILE E 76 -7.15 -17.70 -31.01
N SER E 77 -7.88 -16.91 -31.80
CA SER E 77 -7.56 -16.80 -33.22
C SER E 77 -6.19 -16.15 -33.44
N ARG E 78 -5.89 -15.08 -32.70
CA ARG E 78 -4.59 -14.44 -32.74
C ARG E 78 -4.23 -13.99 -31.33
N LEU E 79 -3.19 -14.58 -30.77
CA LEU E 79 -2.81 -14.34 -29.38
C LEU E 79 -2.28 -12.94 -29.15
N GLU E 80 -2.75 -12.31 -28.08
CA GLU E 80 -2.23 -11.06 -27.55
C GLU E 80 -1.50 -11.33 -26.24
N PRO E 81 -0.61 -10.42 -25.81
CA PRO E 81 0.17 -10.70 -24.59
C PRO E 81 -0.69 -10.98 -23.36
N GLU E 82 -1.87 -10.37 -23.25
CA GLU E 82 -2.71 -10.61 -22.08
C GLU E 82 -3.30 -12.01 -22.07
N ASP E 83 -3.20 -12.73 -23.18
CA ASP E 83 -3.82 -14.05 -23.30
C ASP E 83 -2.95 -15.17 -22.77
N PHE E 84 -1.69 -14.90 -22.44
CA PHE E 84 -0.82 -15.94 -21.91
C PHE E 84 -1.16 -16.12 -20.42
N ALA E 85 -1.70 -17.28 -20.10
CA ALA E 85 -2.33 -17.56 -18.81
C ALA E 85 -2.61 -19.06 -18.76
N VAL E 86 -3.28 -19.50 -17.69
CA VAL E 86 -3.72 -20.87 -17.56
C VAL E 86 -5.20 -20.94 -17.95
N TYR E 87 -5.58 -22.01 -18.65
CA TYR E 87 -6.97 -22.17 -19.12
C TYR E 87 -7.51 -23.49 -18.62
N TYR E 88 -8.73 -23.47 -18.07
CA TYR E 88 -9.41 -24.64 -17.54
C TYR E 88 -10.71 -24.90 -18.29
N CYS E 89 -10.94 -26.17 -18.65
CA CYS E 89 -12.27 -26.58 -19.07
C CYS E 89 -13.06 -27.05 -17.85
N GLN E 90 -14.38 -27.06 -18.00
CA GLN E 90 -15.26 -27.46 -16.92
C GLN E 90 -16.49 -28.14 -17.52
N GLN E 91 -16.92 -29.23 -16.88
CA GLN E 91 -18.16 -29.91 -17.21
C GLN E 91 -19.06 -29.93 -15.98
N TYR E 92 -20.37 -29.89 -16.20
CA TYR E 92 -21.25 -29.91 -15.04
C TYR E 92 -22.57 -30.58 -15.40
N ASP E 93 -23.32 -30.94 -14.35
CA ASP E 93 -24.63 -31.53 -14.50
C ASP E 93 -25.49 -31.07 -13.33
N SER E 94 -26.79 -31.27 -13.46
CA SER E 94 -27.76 -30.67 -12.56
C SER E 94 -28.43 -31.65 -11.59
N SER E 95 -28.41 -32.95 -11.89
CA SER E 95 -29.07 -33.93 -11.03
C SER E 95 -28.19 -35.17 -10.89
N PRO E 96 -27.44 -35.29 -9.78
CA PRO E 96 -27.28 -34.24 -8.78
C PRO E 96 -26.28 -33.18 -9.25
N PRO E 97 -26.27 -32.00 -8.64
CA PRO E 97 -25.26 -31.00 -9.01
C PRO E 97 -23.86 -31.57 -8.92
N MET E 98 -23.07 -31.36 -9.97
CA MET E 98 -21.73 -31.90 -10.05
C MET E 98 -20.92 -31.01 -10.99
N TYR E 99 -19.74 -30.57 -10.56
CA TYR E 99 -18.92 -29.65 -11.36
C TYR E 99 -17.48 -30.16 -11.35
N ILE E 100 -16.94 -30.42 -12.54
CA ILE E 100 -15.63 -31.04 -12.75
C ILE E 100 -14.77 -30.11 -13.60
N PHE E 101 -13.49 -29.97 -13.23
CA PHE E 101 -12.54 -29.15 -13.97
C PHE E 101 -11.44 -30.00 -14.59
N GLY E 102 -10.98 -29.60 -15.77
CA GLY E 102 -9.75 -30.16 -16.31
C GLY E 102 -8.54 -29.71 -15.49
N GLN E 103 -7.40 -30.35 -15.76
CA GLN E 103 -6.21 -30.06 -14.97
C GLN E 103 -5.53 -28.76 -15.36
N GLY E 104 -5.97 -28.10 -16.43
CA GLY E 104 -5.36 -26.86 -16.87
C GLY E 104 -4.34 -27.03 -17.98
N THR E 105 -4.31 -26.06 -18.88
CA THR E 105 -3.27 -25.93 -19.90
C THR E 105 -2.62 -24.57 -19.70
N LYS E 106 -1.29 -24.56 -19.54
CA LYS E 106 -0.56 -23.31 -19.41
C LYS E 106 -0.17 -22.83 -20.80
N LEU E 107 -0.62 -21.65 -21.17
CA LEU E 107 -0.27 -21.04 -22.44
C LEU E 107 0.89 -20.09 -22.17
N GLU E 108 2.11 -20.49 -22.52
CA GLU E 108 3.29 -19.68 -22.25
C GLU E 108 3.85 -19.12 -23.55
N ILE E 109 4.73 -18.14 -23.39
CA ILE E 109 5.24 -17.38 -24.52
C ILE E 109 6.36 -18.18 -25.19
N LYS E 110 6.09 -18.63 -26.41
CA LYS E 110 7.13 -18.97 -27.34
C LYS E 110 7.35 -17.75 -28.22
N ARG E 111 9.93 -18.16 -27.26
CA ARG E 111 11.10 -17.34 -27.32
C ARG E 111 12.16 -18.22 -27.95
N THR E 112 13.18 -17.62 -28.53
CA THR E 112 14.35 -18.37 -28.91
C THR E 112 15.00 -19.01 -27.68
N VAL E 113 15.71 -20.10 -27.91
CA VAL E 113 16.42 -20.79 -26.83
C VAL E 113 17.44 -19.85 -26.19
N ALA E 114 17.50 -19.87 -24.87
CA ALA E 114 18.50 -19.12 -24.13
C ALA E 114 19.08 -20.03 -23.07
N ALA E 115 20.39 -20.26 -23.13
CA ALA E 115 21.05 -21.06 -22.12
C ALA E 115 21.14 -20.29 -20.80
N PRO E 116 21.09 -20.98 -19.66
CA PRO E 116 21.20 -20.28 -18.38
C PRO E 116 22.63 -19.85 -18.10
N SER E 117 22.76 -18.72 -17.43
CA SER E 117 23.98 -18.38 -16.70
C SER E 117 23.89 -19.00 -15.31
N VAL E 118 24.98 -19.58 -14.84
CA VAL E 118 24.97 -20.37 -13.61
C VAL E 118 25.88 -19.70 -12.59
N PHE E 119 25.38 -19.56 -11.36
CA PHE E 119 26.10 -18.94 -10.24
C PHE E 119 25.91 -19.80 -9.00
N ILE E 120 26.94 -19.83 -8.13
CA ILE E 120 26.86 -20.61 -6.91
C ILE E 120 27.26 -19.74 -5.72
N PHE E 121 26.61 -19.96 -4.60
CA PHE E 121 26.78 -19.17 -3.38
C PHE E 121 26.99 -20.10 -2.20
N PRO E 122 28.16 -20.12 -1.59
CA PRO E 122 28.36 -20.90 -0.36
C PRO E 122 27.53 -20.34 0.77
N PRO E 123 27.30 -21.10 1.84
CA PRO E 123 26.60 -20.54 3.00
C PRO E 123 27.38 -19.39 3.60
N SER E 124 26.65 -18.42 4.14
CA SER E 124 27.27 -17.30 4.85
C SER E 124 27.85 -17.76 6.19
N ASP E 125 28.90 -17.05 6.63
CA ASP E 125 29.45 -17.32 7.96
C ASP E 125 28.40 -17.13 9.04
N GLU E 126 27.55 -16.11 8.88
CA GLU E 126 26.48 -15.86 9.85
C GLU E 126 25.57 -17.08 9.99
N GLN E 127 25.13 -17.65 8.86
CA GLN E 127 24.23 -18.79 8.94
C GLN E 127 24.91 -19.99 9.58
N LEU E 128 26.19 -20.19 9.29
CA LEU E 128 26.89 -21.36 9.82
C LEU E 128 26.89 -21.38 11.34
N LYS E 129 27.07 -20.21 11.98
CA LYS E 129 27.04 -20.15 13.44
C LYS E 129 25.76 -20.75 14.01
N SER E 130 24.64 -20.61 13.29
CA SER E 130 23.36 -21.10 13.76
C SER E 130 23.22 -22.61 13.62
N GLY E 131 24.12 -23.29 12.91
CA GLY E 131 24.10 -24.73 12.81
C GLY E 131 23.55 -25.31 11.52
N THR E 132 23.19 -24.47 10.54
CA THR E 132 22.68 -24.94 9.27
C THR E 132 23.48 -24.30 8.13
N ALA E 133 23.64 -25.04 7.04
CA ALA E 133 24.32 -24.56 5.85
C ALA E 133 23.38 -24.64 4.65
N SER E 134 23.11 -23.49 4.03
CA SER E 134 22.35 -23.46 2.78
C SER E 134 23.30 -23.08 1.65
N VAL E 135 23.35 -23.91 0.62
CA VAL E 135 24.12 -23.64 -0.59
C VAL E 135 23.12 -23.36 -1.71
N VAL E 136 23.30 -22.24 -2.41
CA VAL E 136 22.35 -21.82 -3.43
C VAL E 136 23.01 -21.84 -4.81
N CYS E 137 22.38 -22.54 -5.74
CA CYS E 137 22.77 -22.54 -7.15
C CYS E 137 21.69 -21.79 -7.92
N LEU E 138 22.10 -20.82 -8.74
CA LEU E 138 21.19 -19.96 -9.48
C LEU E 138 21.37 -20.21 -10.98
N LEU E 139 20.26 -20.49 -11.66
CA LEU E 139 20.19 -20.59 -13.11
C LEU E 139 19.39 -19.39 -13.59
N ASN E 140 20.03 -18.50 -14.36
CA ASN E 140 19.43 -17.20 -14.63
C ASN E 140 19.09 -17.02 -16.11
N ASN E 141 17.85 -16.61 -16.37
CA ASN E 141 17.38 -16.09 -17.66
C ASN E 141 17.53 -17.11 -18.78
N PHE E 142 16.83 -18.24 -18.65
CA PHE E 142 16.93 -19.31 -19.64
C PHE E 142 15.56 -19.63 -20.23
N TYR E 143 15.59 -20.28 -21.40
CA TYR E 143 14.40 -20.74 -22.08
C TYR E 143 14.79 -21.90 -22.97
N PRO E 144 13.98 -22.98 -23.04
CA PRO E 144 12.73 -23.19 -22.31
C PRO E 144 12.91 -23.56 -20.84
N ARG E 145 11.78 -23.82 -20.17
CA ARG E 145 11.78 -23.99 -18.73
C ARG E 145 12.54 -25.23 -18.27
N GLU E 146 12.57 -26.27 -19.10
CA GLU E 146 13.13 -27.54 -18.65
C GLU E 146 14.63 -27.42 -18.41
N ALA E 147 15.06 -27.78 -17.20
CA ALA E 147 16.47 -27.76 -16.83
C ALA E 147 16.68 -28.81 -15.75
N LYS E 148 17.89 -29.36 -15.71
CA LYS E 148 18.27 -30.37 -14.72
C LYS E 148 19.41 -29.82 -13.89
N VAL E 149 19.27 -29.91 -12.57
CA VAL E 149 20.31 -29.48 -11.64
C VAL E 149 20.63 -30.63 -10.70
N GLN E 150 21.90 -31.02 -10.65
CA GLN E 150 22.38 -32.05 -9.74
C GLN E 150 23.43 -31.47 -8.81
N TRP E 151 23.35 -31.86 -7.54
CA TRP E 151 24.34 -31.49 -6.54
C TRP E 151 25.30 -32.64 -6.31
N LYS E 152 26.59 -32.33 -6.31
CA LYS E 152 27.63 -33.29 -5.94
C LYS E 152 28.44 -32.73 -4.79
N VAL E 153 28.61 -33.53 -3.75
CA VAL E 153 29.41 -33.15 -2.58
C VAL E 153 30.57 -34.13 -2.49
N ASP E 154 31.79 -33.64 -2.72
CA ASP E 154 32.96 -34.49 -2.90
C ASP E 154 32.68 -35.60 -3.90
N ASN E 155 31.99 -35.23 -4.98
CA ASN E 155 31.63 -36.07 -6.13
C ASN E 155 30.60 -37.15 -5.80
N ALA E 156 29.93 -37.06 -4.66
CA ALA E 156 28.81 -37.94 -4.36
C ALA E 156 27.51 -37.23 -4.74
N LEU E 157 26.74 -37.85 -5.63
CA LEU E 157 25.47 -37.25 -6.04
C LEU E 157 24.51 -37.19 -4.86
N GLN E 158 23.92 -36.01 -4.66
CA GLN E 158 23.01 -35.79 -3.55
C GLN E 158 21.57 -36.09 -3.97
N SER E 159 20.80 -36.67 -3.04
CA SER E 159 19.37 -36.84 -3.27
C SER E 159 18.61 -36.54 -1.99
N GLY E 160 17.46 -35.88 -2.13
CA GLY E 160 16.55 -35.65 -1.03
C GLY E 160 16.82 -34.43 -0.18
N ASN E 161 17.94 -33.73 -0.38
CA ASN E 161 18.32 -32.62 0.50
C ASN E 161 18.40 -31.29 -0.24
N SER E 162 17.69 -31.15 -1.36
CA SER E 162 17.64 -29.91 -2.11
C SER E 162 16.20 -29.59 -2.47
N GLN E 163 15.92 -28.29 -2.67
CA GLN E 163 14.62 -27.81 -3.11
C GLN E 163 14.83 -26.80 -4.22
N GLU E 164 13.97 -26.86 -5.23
CA GLU E 164 14.00 -25.95 -6.37
C GLU E 164 12.83 -24.99 -6.34
N SER E 165 13.06 -23.80 -6.88
CA SER E 165 12.04 -22.79 -7.06
C SER E 165 12.26 -22.15 -8.42
N VAL E 166 11.19 -21.83 -9.14
CA VAL E 166 11.27 -21.26 -10.48
C VAL E 166 10.39 -20.02 -10.53
N THR E 167 10.91 -18.96 -11.14
CA THR E 167 10.11 -17.76 -11.37
C THR E 167 9.12 -18.00 -12.51
N GLU E 168 8.10 -17.14 -12.53
CA GLU E 168 7.21 -17.07 -13.68
C GLU E 168 7.94 -16.41 -14.85
N GLN E 169 7.45 -16.68 -16.05
CA GLN E 169 8.07 -16.13 -17.25
C GLN E 169 8.21 -14.63 -17.16
N ASP E 170 9.42 -14.13 -17.42
CA ASP E 170 9.71 -12.72 -17.22
C ASP E 170 8.89 -11.85 -18.16
N SER E 171 8.30 -10.79 -17.62
CA SER E 171 7.43 -9.92 -18.40
C SER E 171 8.15 -9.23 -19.55
N LYS E 172 9.47 -9.07 -19.44
CA LYS E 172 10.23 -8.34 -20.45
C LYS E 172 10.90 -9.24 -21.48
N ASP E 173 11.62 -10.28 -21.06
CA ASP E 173 12.35 -11.12 -22.01
C ASP E 173 11.82 -12.55 -22.11
N SER E 174 10.74 -12.88 -21.40
CA SER E 174 10.06 -14.18 -21.49
C SER E 174 10.96 -15.35 -21.08
N THR E 175 12.00 -15.11 -20.29
CA THR E 175 12.84 -16.21 -19.81
C THR E 175 12.39 -16.64 -18.40
N TYR E 176 12.98 -17.75 -17.95
CA TYR E 176 12.83 -18.29 -16.60
C TYR E 176 14.14 -18.16 -15.83
N SER E 177 14.01 -18.15 -14.52
CA SER E 177 15.16 -18.30 -13.62
C SER E 177 14.81 -19.34 -12.57
N LEU E 178 15.84 -20.03 -12.07
CA LEU E 178 15.61 -21.14 -11.16
C LEU E 178 16.68 -21.12 -10.08
N SER E 179 16.26 -21.41 -8.86
CA SER E 179 17.17 -21.60 -7.74
C SER E 179 17.08 -23.03 -7.26
N SER E 180 18.24 -23.62 -6.94
CA SER E 180 18.30 -24.90 -6.25
C SER E 180 19.11 -24.68 -4.97
N THR E 181 18.53 -25.07 -3.84
CA THR E 181 19.13 -24.82 -2.54
C THR E 181 19.39 -26.16 -1.87
N LEU E 182 20.65 -26.41 -1.55
CA LEU E 182 21.07 -27.60 -0.82
C LEU E 182 21.19 -27.23 0.66
N THR E 183 20.54 -28.00 1.52
CA THR E 183 20.54 -27.72 2.94
C THR E 183 21.21 -28.86 3.69
N LEU E 184 22.19 -28.51 4.51
CA LEU E 184 22.98 -29.46 5.27
C LEU E 184 23.13 -28.95 6.69
N SER E 185 23.26 -29.89 7.64
CA SER E 185 23.66 -29.49 8.98
C SER E 185 25.08 -28.94 8.94
N LYS E 186 25.40 -28.07 9.91
CA LYS E 186 26.78 -27.61 10.05
C LYS E 186 27.76 -28.79 10.07
N ALA E 187 27.45 -29.81 10.85
CA ALA E 187 28.34 -30.97 10.95
C ALA E 187 28.51 -31.65 9.60
N ASP E 188 27.41 -31.87 8.87
CA ASP E 188 27.52 -32.52 7.56
C ASP E 188 28.29 -31.64 6.59
N TYR E 189 28.03 -30.33 6.60
CA TYR E 189 28.73 -29.42 5.70
C TYR E 189 30.22 -29.47 5.94
N GLU E 190 30.65 -29.47 7.20
CA GLU E 190 32.06 -29.44 7.53
C GLU E 190 32.77 -30.76 7.28
N LYS E 191 32.03 -31.83 6.99
CA LYS E 191 32.68 -33.11 6.72
C LYS E 191 33.21 -33.22 5.30
N HIS E 192 32.93 -32.23 4.44
CA HIS E 192 33.18 -32.37 3.02
C HIS E 192 33.78 -31.08 2.48
N LYS E 193 34.50 -31.20 1.35
CA LYS E 193 35.26 -30.08 0.80
C LYS E 193 34.61 -29.45 -0.42
N VAL E 194 34.33 -30.23 -1.45
CA VAL E 194 33.96 -29.70 -2.76
C VAL E 194 32.44 -29.75 -2.91
N TYR E 195 31.85 -28.58 -3.14
CA TYR E 195 30.41 -28.43 -3.34
C TYR E 195 30.19 -27.96 -4.77
N ALA E 196 29.40 -28.72 -5.53
CA ALA E 196 29.25 -28.44 -6.95
C ALA E 196 27.79 -28.61 -7.38
N CYS E 197 27.31 -27.68 -8.19
CA CYS E 197 26.03 -27.84 -8.86
C CYS E 197 26.30 -27.95 -10.36
N GLU E 198 25.72 -28.99 -10.97
CA GLU E 198 25.88 -29.27 -12.38
C GLU E 198 24.55 -29.07 -13.08
N VAL E 199 24.56 -28.30 -14.15
CA VAL E 199 23.35 -27.84 -14.82
C VAL E 199 23.33 -28.38 -16.24
N THR E 200 22.25 -29.05 -16.61
CA THR E 200 21.98 -29.46 -17.97
C THR E 200 20.79 -28.69 -18.51
N HIS E 201 20.95 -28.14 -19.71
CA HIS E 201 19.89 -27.40 -20.39
C HIS E 201 20.11 -27.58 -21.89
N GLN E 202 19.01 -27.66 -22.65
CA GLN E 202 19.15 -27.95 -24.08
C GLN E 202 19.91 -26.86 -24.82
N GLY E 203 20.00 -25.64 -24.27
CA GLY E 203 20.77 -24.59 -24.89
C GLY E 203 22.25 -24.61 -24.60
N LEU E 204 22.67 -25.43 -23.65
CA LEU E 204 24.08 -25.60 -23.31
C LEU E 204 24.67 -26.72 -24.16
N SER E 205 25.84 -26.48 -24.76
CA SER E 205 26.46 -27.55 -25.55
C SER E 205 26.98 -28.67 -24.66
N SER E 206 27.37 -28.36 -23.43
CA SER E 206 27.76 -29.37 -22.45
C SER E 206 27.34 -28.86 -21.08
N PRO E 207 27.18 -29.77 -20.11
CA PRO E 207 26.75 -29.33 -18.77
C PRO E 207 27.70 -28.32 -18.19
N VAL E 208 27.14 -27.40 -17.41
CA VAL E 208 27.90 -26.35 -16.75
C VAL E 208 27.99 -26.70 -15.28
N THR E 209 29.20 -26.77 -14.75
CA THR E 209 29.42 -27.02 -13.33
C THR E 209 29.99 -25.77 -12.69
N LYS E 210 29.37 -25.34 -11.60
CA LYS E 210 29.94 -24.33 -10.71
C LYS E 210 30.23 -24.99 -9.38
N SER E 211 31.44 -24.81 -8.86
CA SER E 211 31.83 -25.51 -7.65
C SER E 211 32.69 -24.61 -6.78
N PHE E 212 32.79 -24.95 -5.50
CA PHE E 212 33.69 -24.25 -4.60
C PHE E 212 34.24 -25.23 -3.57
N ASN E 213 35.39 -24.86 -2.99
CA ASN E 213 35.95 -25.55 -1.84
C ASN E 213 35.51 -24.83 -0.57
N ARG E 214 34.97 -25.59 0.37
CA ARG E 214 34.44 -25.01 1.61
C ARG E 214 35.51 -24.20 2.33
N GLY E 215 35.20 -22.93 2.59
CA GLY E 215 36.06 -22.08 3.39
C GLY E 215 37.17 -21.34 2.66
N GLU E 216 37.13 -21.30 1.34
CA GLU E 216 38.22 -20.69 0.58
C GLU E 216 38.06 -19.17 0.39
N LEU F 1 -35.52 -26.61 -24.49
CA LEU F 1 -35.31 -27.60 -23.44
C LEU F 1 -35.27 -26.91 -22.08
N ASP F 2 -35.34 -27.71 -21.02
CA ASP F 2 -35.15 -27.17 -19.67
C ASP F 2 -33.78 -26.50 -19.57
N SER F 3 -33.75 -25.31 -18.99
CA SER F 3 -32.47 -24.69 -18.70
C SER F 3 -31.79 -25.43 -17.56
N PHE F 4 -30.47 -25.24 -17.45
CA PHE F 4 -29.74 -25.77 -16.29
C PHE F 4 -30.38 -25.28 -15.00
N LYS F 5 -30.77 -24.00 -14.97
CA LYS F 5 -31.47 -23.43 -13.82
C LYS F 5 -32.73 -24.22 -13.48
N GLU F 6 -33.57 -24.48 -14.47
CA GLU F 6 -34.80 -25.25 -14.21
C GLU F 6 -34.47 -26.62 -13.67
N GLU F 7 -33.42 -27.25 -14.19
CA GLU F 7 -33.04 -28.57 -13.72
C GLU F 7 -32.51 -28.54 -12.29
N LEU F 8 -31.73 -27.50 -11.93
CA LEU F 8 -31.31 -27.35 -10.54
C LEU F 8 -32.51 -27.14 -9.63
N ASP F 9 -33.45 -26.30 -10.05
CA ASP F 9 -34.65 -26.05 -9.24
C ASP F 9 -35.42 -27.34 -8.99
N LYS F 10 -35.61 -28.14 -10.04
CA LYS F 10 -36.33 -29.41 -9.88
C LYS F 10 -35.57 -30.36 -8.95
N TYR F 11 -34.24 -30.39 -9.05
CA TYR F 11 -33.47 -31.24 -8.15
C TYR F 11 -33.72 -30.88 -6.69
N PHE F 12 -33.52 -29.62 -6.34
CA PHE F 12 -33.61 -29.23 -4.94
C PHE F 12 -35.03 -29.25 -4.41
N LYS F 13 -36.03 -29.19 -5.30
CA LYS F 13 -37.40 -29.36 -4.83
C LYS F 13 -37.70 -30.82 -4.51
N ASN F 14 -36.91 -31.76 -5.05
CA ASN F 14 -37.20 -33.18 -4.96
C ASN F 14 -36.21 -33.96 -4.09
N HIS F 15 -35.13 -33.34 -3.62
CA HIS F 15 -34.13 -34.04 -2.82
C HIS F 15 -33.76 -33.28 -1.54
#